data_4U8T
#
_entry.id   4U8T
#
_cell.length_a   117.390
_cell.length_b   117.390
_cell.length_c   380.928
_cell.angle_alpha   90.000
_cell.angle_beta   90.000
_cell.angle_gamma   120.000
#
_symmetry.space_group_name_H-M   'P 61 2 2'
#
loop_
_entity.id
_entity.type
_entity.pdbx_description
1 polymer ZYRO0G01672p
2 polymer "RNA (5'-R(*AP*GP*GP*(6MZ)P*CP*AP*U)-3')"
3 water water
#
loop_
_entity_poly.entity_id
_entity_poly.type
_entity_poly.pdbx_seq_one_letter_code
_entity_poly.pdbx_strand_id
1 'polypeptide(L)'
;(MSE)GSSHHHHHHSSGAIIPPWIHVPDHSRFFVIKSSSLEHVKKSFYNGIWSSTFYGNKRLSEAYESLPQGAKIYLLFS
VNASGRFCGVAE(MSE)SSNLREDLDTSIWGDNSRYRHAFKVRWIVVRDVHNRSLKQFLIPAND(MSE)KPVTNSRDTQE
IPATISKSILKLFKYEQSEVQSFLDDDYS
;
A,B,C,D,E,F
2 'polyribonucleotide' AGG(6MZ)CAU O,P,Q,R,S,T
#
# COMPACT_ATOMS: atom_id res chain seq x y z
N GLY A 13 -1.93 -43.38 -15.28
CA GLY A 13 -0.99 -42.27 -15.22
C GLY A 13 -0.81 -41.52 -13.89
N ALA A 14 -1.80 -41.56 -13.02
CA ALA A 14 -1.75 -40.82 -11.78
C ALA A 14 -0.68 -41.31 -10.80
N ILE A 15 -0.17 -40.39 -9.99
CA ILE A 15 0.72 -40.75 -8.92
C ILE A 15 0.01 -40.45 -7.63
N ILE A 16 -0.43 -41.50 -6.94
CA ILE A 16 -1.11 -41.40 -5.66
C ILE A 16 -0.42 -42.32 -4.65
N PRO A 17 0.34 -41.76 -3.71
CA PRO A 17 1.07 -42.56 -2.73
C PRO A 17 0.13 -43.21 -1.73
N PRO A 18 0.48 -44.38 -1.17
CA PRO A 18 -0.35 -45.01 -0.14
C PRO A 18 -0.56 -44.13 1.09
N TRP A 19 0.45 -43.43 1.54
CA TRP A 19 0.26 -42.56 2.69
C TRP A 19 0.95 -41.23 2.47
N ILE A 20 0.48 -40.20 3.16
CA ILE A 20 1.19 -38.94 3.24
C ILE A 20 1.40 -38.59 4.69
N HIS A 21 2.65 -38.61 5.14
CA HIS A 21 2.88 -38.23 6.51
C HIS A 21 3.24 -36.77 6.62
N VAL A 22 2.38 -36.04 7.30
CA VAL A 22 2.52 -34.60 7.46
C VAL A 22 3.18 -34.27 8.80
N PRO A 23 4.44 -33.86 8.79
CA PRO A 23 5.10 -33.49 10.05
C PRO A 23 4.43 -32.32 10.76
N ASP A 24 4.48 -32.30 12.08
CA ASP A 24 3.84 -31.21 12.82
C ASP A 24 4.39 -29.85 12.41
N HIS A 25 3.55 -28.82 12.56
CA HIS A 25 3.91 -27.42 12.32
C HIS A 25 4.18 -27.10 10.85
N SER A 26 3.69 -27.95 9.96
CA SER A 26 3.81 -27.72 8.54
C SER A 26 2.83 -26.67 8.02
N ARG A 27 3.14 -26.05 6.90
CA ARG A 27 2.21 -25.09 6.36
C ARG A 27 1.85 -25.43 4.91
N PHE A 28 0.72 -24.91 4.47
CA PHE A 28 0.11 -25.28 3.22
C PHE A 28 -0.32 -24.08 2.43
N PHE A 29 -0.01 -24.09 1.14
CA PHE A 29 -0.32 -22.98 0.26
C PHE A 29 -0.94 -23.48 -1.02
N VAL A 30 -1.90 -22.74 -1.53
CA VAL A 30 -2.39 -22.93 -2.85
C VAL A 30 -1.37 -22.38 -3.81
N ILE A 31 -1.01 -23.13 -4.84
CA ILE A 31 -0.23 -22.62 -5.95
C ILE A 31 -1.10 -22.53 -7.19
N LYS A 32 -1.15 -21.38 -7.83
CA LYS A 32 -1.90 -21.25 -9.08
C LYS A 32 -0.99 -21.14 -10.27
N SER A 33 -1.41 -21.69 -11.41
CA SER A 33 -0.64 -21.52 -12.65
C SER A 33 -1.54 -21.09 -13.79
N SER A 34 -1.02 -20.22 -14.65
CA SER A 34 -1.77 -19.76 -15.81
C SER A 34 -1.67 -20.76 -16.95
N SER A 35 -0.99 -21.85 -16.71
CA SER A 35 -0.53 -22.78 -17.72
C SER A 35 -0.38 -24.20 -17.14
N LEU A 36 -1.02 -25.20 -17.74
CA LEU A 36 -0.79 -26.56 -17.33
C LEU A 36 0.60 -26.98 -17.69
N GLU A 37 1.17 -26.44 -18.74
CA GLU A 37 2.49 -26.86 -19.14
C GLU A 37 3.60 -26.50 -18.16
N HIS A 38 3.49 -25.34 -17.51
CA HIS A 38 4.45 -24.96 -16.48
C HIS A 38 4.42 -25.94 -15.31
N VAL A 39 3.23 -26.46 -15.04
CA VAL A 39 3.06 -27.41 -13.98
C VAL A 39 3.74 -28.69 -14.36
N LYS A 40 3.58 -29.11 -15.60
CA LYS A 40 4.26 -30.31 -16.08
C LYS A 40 5.78 -30.18 -16.05
N LYS A 41 6.26 -29.00 -16.44
CA LYS A 41 7.68 -28.72 -16.33
C LYS A 41 8.14 -28.77 -14.89
N SER A 42 7.28 -28.36 -13.96
CA SER A 42 7.63 -28.44 -12.57
C SER A 42 7.80 -29.88 -12.16
N PHE A 43 6.88 -30.74 -12.61
CA PHE A 43 6.95 -32.15 -12.24
C PHE A 43 8.21 -32.79 -12.77
N TYR A 44 8.55 -32.54 -14.02
CA TYR A 44 9.69 -33.19 -14.62
C TYR A 44 11.01 -32.60 -14.17
N ASN A 45 11.02 -31.34 -13.76
CA ASN A 45 12.26 -30.65 -13.47
C ASN A 45 12.53 -30.39 -12.02
N GLY A 46 11.54 -30.64 -11.17
CA GLY A 46 11.70 -30.55 -9.75
C GLY A 46 11.94 -29.14 -9.23
N ILE A 47 11.46 -28.16 -9.95
CA ILE A 47 11.53 -26.79 -9.48
C ILE A 47 10.18 -26.10 -9.66
N TRP A 48 9.98 -25.00 -8.95
CA TRP A 48 8.82 -24.15 -9.14
C TRP A 48 9.23 -22.73 -8.84
N SER A 49 8.47 -21.80 -9.37
CA SER A 49 8.70 -20.43 -9.06
C SER A 49 7.37 -19.69 -9.01
N SER A 50 7.27 -18.70 -8.16
CA SER A 50 6.06 -17.93 -8.06
C SER A 50 6.32 -16.52 -8.52
N THR A 51 5.45 -15.59 -8.18
CA THR A 51 5.68 -14.21 -8.53
C THR A 51 6.74 -13.57 -7.66
N PHE A 52 7.01 -12.31 -7.93
CA PHE A 52 7.93 -11.56 -7.10
C PHE A 52 7.53 -11.61 -5.66
N TYR A 53 6.28 -11.24 -5.38
CA TYR A 53 5.73 -11.22 -4.03
C TYR A 53 5.43 -12.62 -3.49
N GLY A 54 4.95 -13.48 -4.38
CA GLY A 54 4.67 -14.85 -4.07
C GLY A 54 5.86 -15.65 -3.63
N ASN A 55 6.98 -15.45 -4.31
CA ASN A 55 8.24 -16.04 -3.90
C ASN A 55 8.69 -15.55 -2.56
N LYS A 56 8.53 -14.27 -2.29
CA LYS A 56 8.96 -13.69 -1.04
C LYS A 56 8.17 -14.31 0.11
N ARG A 57 6.90 -14.55 -0.14
CA ARG A 57 6.02 -15.12 0.84
C ARG A 57 6.41 -16.57 1.15
N LEU A 58 6.65 -17.36 0.12
CA LEU A 58 7.03 -18.73 0.27
C LEU A 58 8.41 -18.87 0.86
N SER A 59 9.31 -17.99 0.46
CA SER A 59 10.68 -18.02 0.96
C SER A 59 10.67 -17.78 2.45
N GLU A 60 9.92 -16.77 2.88
CA GLU A 60 9.82 -16.46 4.29
C GLU A 60 9.18 -17.58 5.10
N ALA A 61 8.13 -18.21 4.58
CA ALA A 61 7.50 -19.30 5.30
C ALA A 61 8.39 -20.51 5.43
N TYR A 62 9.16 -20.79 4.39
CA TYR A 62 10.09 -21.90 4.36
C TYR A 62 11.23 -21.71 5.35
N GLU A 63 11.82 -20.52 5.38
CA GLU A 63 12.84 -20.22 6.38
C GLU A 63 12.36 -20.37 7.81
N SER A 64 11.11 -20.06 8.07
CA SER A 64 10.55 -20.05 9.42
C SER A 64 10.23 -21.40 10.03
N LEU A 65 10.34 -22.47 9.26
CA LEU A 65 9.90 -23.78 9.75
C LEU A 65 10.80 -24.39 10.82
N PRO A 66 10.19 -24.92 11.89
CA PRO A 66 10.87 -25.81 12.83
C PRO A 66 11.40 -26.99 12.05
N GLN A 67 12.37 -27.74 12.56
CA GLN A 67 13.16 -28.62 11.68
C GLN A 67 12.43 -29.67 10.86
N GLY A 68 11.57 -30.44 11.50
CA GLY A 68 10.91 -31.51 10.77
C GLY A 68 9.87 -31.06 9.77
N ALA A 69 9.43 -29.82 9.88
CA ALA A 69 8.26 -29.39 9.17
C ALA A 69 8.48 -29.09 7.69
N LYS A 70 7.40 -29.19 6.93
CA LYS A 70 7.47 -28.99 5.49
C LYS A 70 6.50 -27.93 5.02
N ILE A 71 6.65 -27.52 3.77
CA ILE A 71 5.64 -26.68 3.13
C ILE A 71 5.04 -27.41 1.95
N TYR A 72 3.73 -27.62 2.01
CA TYR A 72 3.00 -28.30 0.96
C TYR A 72 2.40 -27.29 0.00
N LEU A 73 2.50 -27.63 -1.27
CA LEU A 73 1.98 -26.81 -2.34
C LEU A 73 0.86 -27.56 -3.02
N LEU A 74 -0.32 -26.97 -3.07
CA LEU A 74 -1.45 -27.60 -3.70
C LEU A 74 -1.69 -26.90 -5.03
N PHE A 75 -1.38 -27.56 -6.14
CA PHE A 75 -1.40 -26.96 -7.45
C PHE A 75 -2.78 -26.94 -8.13
N SER A 76 -3.06 -25.86 -8.83
CA SER A 76 -4.30 -25.69 -9.53
C SER A 76 -4.10 -24.80 -10.74
N VAL A 77 -4.49 -25.25 -11.92
CA VAL A 77 -4.34 -24.40 -13.09
C VAL A 77 -5.50 -23.41 -13.19
N ASN A 78 -5.22 -22.17 -13.54
CA ASN A 78 -6.28 -21.16 -13.67
C ASN A 78 -7.40 -21.58 -14.57
N ALA A 79 -8.62 -21.41 -14.09
CA ALA A 79 -9.84 -21.71 -14.86
C ALA A 79 -9.98 -23.17 -15.27
N SER A 80 -9.21 -24.05 -14.65
CA SER A 80 -9.26 -25.47 -14.95
C SER A 80 -10.34 -26.24 -14.20
N GLY A 81 -10.95 -25.62 -13.21
CA GLY A 81 -11.98 -26.29 -12.42
C GLY A 81 -11.50 -27.38 -11.50
N ARG A 82 -10.23 -27.41 -11.17
CA ARG A 82 -9.72 -28.47 -10.34
C ARG A 82 -8.37 -28.16 -9.73
N PHE A 83 -7.94 -29.01 -8.80
CA PHE A 83 -6.57 -29.02 -8.34
C PHE A 83 -5.98 -30.22 -8.99
N CYS A 84 -4.66 -30.22 -9.19
CA CYS A 84 -4.07 -31.25 -10.00
C CYS A 84 -2.87 -31.90 -9.38
N GLY A 85 -2.53 -31.58 -8.16
CA GLY A 85 -1.41 -32.24 -7.53
C GLY A 85 -0.86 -31.58 -6.29
N VAL A 86 0.09 -32.26 -5.66
CA VAL A 86 0.68 -31.81 -4.41
C VAL A 86 2.17 -31.92 -4.46
N ALA A 87 2.88 -30.88 -4.05
CA ALA A 87 4.33 -30.94 -3.98
C ALA A 87 4.83 -30.40 -2.63
N GLU A 88 6.05 -30.76 -2.25
CA GLU A 88 6.73 -30.12 -1.13
C GLU A 88 7.80 -29.19 -1.60
N SER A 90 11.60 -28.19 -1.24
CA SER A 90 12.74 -28.98 -0.81
C SER A 90 13.96 -28.09 -0.84
N SER A 91 13.73 -26.82 -1.09
CA SER A 91 14.78 -25.85 -0.96
C SER A 91 14.17 -24.48 -0.75
N ASN A 92 15.00 -23.55 -0.30
CA ASN A 92 14.62 -22.16 -0.34
C ASN A 92 14.88 -21.68 -1.75
N LEU A 93 14.59 -20.43 -2.02
CA LEU A 93 14.80 -19.88 -3.34
C LEU A 93 16.31 -19.87 -3.65
N ARG A 94 16.67 -20.19 -4.89
CA ARG A 94 18.07 -20.21 -5.30
C ARG A 94 18.22 -19.44 -6.59
N GLU A 95 19.46 -19.24 -7.05
CA GLU A 95 19.64 -18.51 -8.29
C GLU A 95 20.30 -19.42 -9.33
N ASP A 96 20.79 -20.56 -8.86
CA ASP A 96 21.59 -21.43 -9.70
C ASP A 96 20.80 -22.55 -10.33
N LEU A 97 19.50 -22.35 -10.49
CA LEU A 97 18.65 -23.37 -11.09
C LEU A 97 18.19 -22.95 -12.47
N ASP A 98 17.77 -23.93 -13.26
CA ASP A 98 17.48 -23.71 -14.66
C ASP A 98 16.11 -23.16 -14.91
N THR A 99 15.97 -21.86 -14.80
CA THR A 99 14.68 -21.22 -14.95
C THR A 99 14.36 -20.92 -16.41
N SER A 100 15.18 -21.45 -17.30
CA SER A 100 14.96 -21.24 -18.73
C SER A 100 13.80 -22.10 -19.25
N ILE A 101 13.40 -23.10 -18.48
CA ILE A 101 12.29 -23.96 -18.88
C ILE A 101 10.97 -23.21 -18.89
N TRP A 102 10.95 -21.99 -18.37
CA TRP A 102 9.73 -21.20 -18.39
C TRP A 102 9.86 -20.07 -19.39
N GLY A 103 10.91 -20.14 -20.22
CA GLY A 103 11.19 -19.16 -21.25
C GLY A 103 12.12 -18.02 -20.84
N SER A 106 12.08 -13.81 -19.19
CA SER A 106 10.66 -13.69 -18.90
C SER A 106 10.45 -13.21 -17.46
N ARG A 107 9.57 -13.85 -16.72
CA ARG A 107 9.09 -13.32 -15.44
C ARG A 107 9.58 -14.07 -14.19
N TYR A 108 10.00 -15.31 -14.36
CA TYR A 108 10.39 -16.19 -13.27
C TYR A 108 11.88 -16.37 -13.23
N ARG A 109 12.59 -15.43 -12.66
CA ARG A 109 14.04 -15.48 -12.70
C ARG A 109 14.66 -16.28 -11.58
N HIS A 110 13.89 -16.55 -10.55
CA HIS A 110 14.38 -17.40 -9.47
C HIS A 110 13.44 -18.55 -9.28
N ALA A 111 13.88 -19.61 -8.63
CA ALA A 111 13.01 -20.73 -8.39
C ALA A 111 13.51 -21.49 -7.21
N PHE A 112 12.71 -22.42 -6.73
CA PHE A 112 13.14 -23.27 -5.65
C PHE A 112 12.85 -24.72 -5.99
N LYS A 113 13.51 -25.64 -5.32
CA LYS A 113 13.31 -27.05 -5.58
C LYS A 113 12.05 -27.53 -4.96
N VAL A 114 11.37 -28.41 -5.68
CA VAL A 114 10.15 -29.05 -5.19
C VAL A 114 10.23 -30.55 -5.37
N ARG A 115 9.60 -31.27 -4.48
CA ARG A 115 9.49 -32.71 -4.60
C ARG A 115 8.02 -33.12 -4.78
N TRP A 116 7.66 -33.63 -5.94
CA TRP A 116 6.27 -34.01 -6.18
C TRP A 116 5.82 -35.30 -5.47
N ILE A 117 4.64 -35.25 -4.89
CA ILE A 117 4.06 -36.30 -4.05
C ILE A 117 2.81 -36.93 -4.67
N VAL A 118 1.92 -36.07 -5.13
CA VAL A 118 0.65 -36.46 -5.68
C VAL A 118 0.49 -35.85 -7.05
N VAL A 119 0.09 -36.65 -8.02
CA VAL A 119 -0.32 -36.11 -9.29
C VAL A 119 -1.68 -36.68 -9.57
N ARG A 120 -2.71 -35.87 -9.43
CA ARG A 120 -4.07 -36.36 -9.60
C ARG A 120 -5.06 -35.22 -9.61
N ASP A 121 -6.06 -35.31 -10.48
CA ASP A 121 -7.11 -34.31 -10.51
C ASP A 121 -8.09 -34.47 -9.37
N VAL A 122 -8.46 -33.36 -8.77
CA VAL A 122 -9.53 -33.29 -7.80
C VAL A 122 -10.40 -32.13 -8.19
N HIS A 123 -11.69 -32.37 -8.39
CA HIS A 123 -12.56 -31.34 -8.92
C HIS A 123 -12.93 -30.32 -7.89
N ASN A 124 -13.10 -29.07 -8.32
CA ASN A 124 -13.50 -28.00 -7.41
C ASN A 124 -14.77 -28.29 -6.63
N ARG A 125 -15.75 -28.90 -7.30
CA ARG A 125 -16.95 -29.48 -6.70
C ARG A 125 -16.69 -30.17 -5.37
N SER A 126 -15.60 -30.92 -5.31
CA SER A 126 -15.29 -31.72 -4.15
C SER A 126 -14.56 -30.94 -3.08
N LEU A 127 -14.25 -29.68 -3.34
CA LEU A 127 -13.45 -28.92 -2.42
C LEU A 127 -14.14 -27.65 -1.96
N LYS A 128 -15.27 -27.33 -2.57
CA LYS A 128 -15.89 -26.02 -2.38
C LYS A 128 -16.56 -25.92 -1.00
N GLN A 129 -16.52 -27.03 -0.26
CA GLN A 129 -16.96 -27.07 1.13
C GLN A 129 -15.95 -26.46 2.10
N PHE A 130 -14.67 -26.47 1.74
CA PHE A 130 -13.63 -25.99 2.63
C PHE A 130 -13.47 -24.47 2.54
N LEU A 131 -14.03 -23.78 3.51
CA LEU A 131 -14.04 -22.34 3.55
C LEU A 131 -12.82 -21.88 4.31
N ILE A 132 -12.16 -20.85 3.81
CA ILE A 132 -10.92 -20.40 4.41
C ILE A 132 -11.20 -19.20 5.32
N PRO A 133 -11.03 -19.36 6.65
CA PRO A 133 -11.37 -18.33 7.63
C PRO A 133 -10.64 -17.01 7.43
N ALA A 134 -9.38 -17.03 7.03
CA ALA A 134 -8.60 -15.82 6.90
C ALA A 134 -8.76 -15.19 5.52
N ASN A 135 -9.59 -15.80 4.70
CA ASN A 135 -9.89 -15.30 3.38
C ASN A 135 -11.36 -15.01 3.23
N ASP A 136 -11.94 -14.39 4.24
CA ASP A 136 -13.32 -13.90 4.23
C ASP A 136 -14.31 -15.03 3.98
N LYS A 138 -14.06 -17.46 2.02
CA LYS A 138 -14.16 -17.92 0.66
C LYS A 138 -13.67 -19.38 0.57
N PRO A 139 -14.24 -20.15 -0.37
CA PRO A 139 -13.82 -21.51 -0.57
C PRO A 139 -12.38 -21.63 -1.03
N VAL A 140 -11.68 -22.68 -0.65
CA VAL A 140 -10.31 -22.87 -1.08
C VAL A 140 -10.20 -22.86 -2.62
N THR A 141 -11.27 -23.20 -3.29
CA THR A 141 -11.28 -23.27 -4.73
C THR A 141 -11.29 -21.89 -5.32
N ASN A 142 -11.39 -20.87 -4.47
CA ASN A 142 -11.34 -19.51 -4.96
C ASN A 142 -10.22 -18.74 -4.30
N SER A 143 -9.02 -19.26 -4.43
CA SER A 143 -7.84 -18.69 -3.84
C SER A 143 -6.90 -18.17 -4.87
N ARG A 144 -6.16 -17.14 -4.50
CA ARG A 144 -5.11 -16.64 -5.34
C ARG A 144 -3.89 -17.47 -5.09
N ASP A 145 -2.92 -17.32 -5.98
CA ASP A 145 -1.62 -17.92 -5.85
C ASP A 145 -0.95 -17.56 -4.53
N THR A 146 -0.46 -18.59 -3.83
CA THR A 146 0.16 -18.52 -2.50
C THR A 146 -0.80 -18.12 -1.38
N GLN A 147 -2.06 -18.41 -1.59
CA GLN A 147 -3.01 -18.36 -0.51
C GLN A 147 -2.75 -19.46 0.49
N GLU A 148 -2.60 -19.09 1.76
CA GLU A 148 -2.33 -20.06 2.80
C GLU A 148 -3.60 -20.74 3.30
N ILE A 149 -3.47 -22.04 3.59
CA ILE A 149 -4.56 -22.86 4.06
C ILE A 149 -4.26 -23.34 5.46
N PRO A 150 -5.26 -23.28 6.36
CA PRO A 150 -5.01 -23.79 7.71
C PRO A 150 -4.75 -25.29 7.72
N ALA A 151 -4.00 -25.77 8.70
CA ALA A 151 -3.53 -27.15 8.76
C ALA A 151 -4.61 -28.22 8.80
N THR A 152 -5.59 -28.05 9.67
CA THR A 152 -6.61 -29.07 9.81
C THR A 152 -7.44 -29.17 8.50
N ILE A 153 -7.80 -28.03 7.91
CA ILE A 153 -8.48 -28.05 6.63
C ILE A 153 -7.61 -28.71 5.57
N SER A 154 -6.32 -28.43 5.57
CA SER A 154 -5.41 -29.01 4.59
C SER A 154 -5.34 -30.53 4.61
N LYS A 155 -5.29 -31.09 5.80
CA LYS A 155 -5.24 -32.53 5.96
C LYS A 155 -6.50 -33.18 5.42
N SER A 156 -7.64 -32.53 5.57
CA SER A 156 -8.85 -33.04 4.97
C SER A 156 -8.76 -33.05 3.44
N ILE A 157 -8.20 -32.00 2.87
CA ILE A 157 -8.00 -31.90 1.44
C ILE A 157 -7.02 -32.97 1.00
N LEU A 158 -5.97 -33.18 1.78
CA LEU A 158 -5.01 -34.20 1.41
C LEU A 158 -5.67 -35.57 1.39
N LYS A 159 -6.67 -35.78 2.23
CA LYS A 159 -7.41 -37.02 2.21
C LYS A 159 -8.05 -37.22 0.86
N LEU A 160 -8.66 -36.16 0.32
CA LEU A 160 -9.28 -36.24 -0.99
C LEU A 160 -8.29 -36.54 -2.11
N PHE A 161 -7.04 -36.08 -1.97
CA PHE A 161 -6.06 -36.37 -3.00
C PHE A 161 -5.63 -37.83 -3.02
N LYS A 162 -5.75 -38.52 -1.89
CA LYS A 162 -5.29 -39.90 -1.77
C LYS A 162 -6.40 -40.90 -1.85
N TYR A 163 -7.47 -40.60 -2.55
CA TYR A 163 -8.66 -41.41 -2.40
C TYR A 163 -9.03 -42.18 -3.66
N VAL A 168 -10.28 -41.67 -12.18
CA VAL A 168 -9.06 -40.99 -11.76
C VAL A 168 -8.27 -40.41 -12.91
N GLN A 169 -8.16 -39.10 -12.99
CA GLN A 169 -7.38 -38.52 -14.06
C GLN A 169 -6.20 -37.75 -13.53
N SER A 170 -5.30 -37.35 -14.41
CA SER A 170 -4.08 -36.71 -14.01
C SER A 170 -3.44 -36.07 -15.22
N PHE A 171 -2.60 -35.09 -15.01
CA PHE A 171 -2.01 -34.41 -16.14
C PHE A 171 -0.87 -35.26 -16.69
N LEU A 172 -0.65 -36.42 -16.09
CA LEU A 172 0.35 -37.36 -16.56
C LEU A 172 -0.26 -38.49 -17.36
N ASP A 173 -1.46 -38.30 -17.89
CA ASP A 173 -2.10 -39.37 -18.62
C ASP A 173 -1.73 -39.35 -20.10
N ASP A 174 -1.77 -38.19 -20.73
CA ASP A 174 -1.39 -38.12 -22.15
C ASP A 174 0.12 -38.34 -22.38
N ASP A 175 0.82 -38.80 -21.35
CA ASP A 175 2.20 -39.23 -21.49
C ASP A 175 2.31 -40.74 -21.26
N GLY B 13 -27.09 34.06 16.04
CA GLY B 13 -25.67 33.80 16.13
C GLY B 13 -25.03 33.31 14.82
N ALA B 14 -25.84 32.72 13.95
CA ALA B 14 -25.35 32.13 12.71
C ALA B 14 -24.85 33.16 11.75
N ILE B 15 -23.92 32.73 10.91
CA ILE B 15 -23.38 33.55 9.85
C ILE B 15 -23.81 32.93 8.55
N ILE B 16 -24.73 33.57 7.84
CA ILE B 16 -25.19 33.06 6.56
C ILE B 16 -25.13 34.21 5.59
N PRO B 17 -24.18 34.16 4.68
CA PRO B 17 -23.93 35.22 3.70
C PRO B 17 -25.11 35.42 2.72
N PRO B 18 -25.32 36.66 2.25
CA PRO B 18 -26.40 36.89 1.28
C PRO B 18 -26.21 36.09 0.03
N TRP B 19 -24.98 35.95 -0.41
CA TRP B 19 -24.65 35.21 -1.61
C TRP B 19 -23.44 34.31 -1.43
N ILE B 20 -23.41 33.19 -2.15
CA ILE B 20 -22.17 32.43 -2.30
C ILE B 20 -21.98 32.15 -3.76
N HIS B 21 -21.03 32.81 -4.39
CA HIS B 21 -20.78 32.57 -5.79
C HIS B 21 -19.59 31.65 -5.97
N VAL B 22 -19.82 30.49 -6.54
CA VAL B 22 -18.77 29.52 -6.66
C VAL B 22 -18.04 29.67 -7.97
N PRO B 23 -16.79 30.11 -7.91
CA PRO B 23 -15.95 30.23 -9.11
C PRO B 23 -15.82 28.89 -9.80
N ASP B 24 -15.68 28.92 -11.12
CA ASP B 24 -15.54 27.71 -11.88
C ASP B 24 -14.33 26.91 -11.44
N HIS B 25 -14.40 25.60 -11.60
CA HIS B 25 -13.28 24.71 -11.35
C HIS B 25 -12.89 24.57 -9.89
N SER B 26 -13.77 25.01 -9.00
CA SER B 26 -13.54 24.90 -7.58
C SER B 26 -13.74 23.47 -7.12
N ARG B 27 -13.12 23.09 -6.00
CA ARG B 27 -13.26 21.74 -5.44
C ARG B 27 -13.76 21.83 -4.02
N PHE B 28 -14.35 20.74 -3.54
CA PHE B 28 -15.10 20.71 -2.29
C PHE B 28 -14.70 19.52 -1.46
N PHE B 29 -14.50 19.75 -0.16
CA PHE B 29 -14.07 18.69 0.75
C PHE B 29 -14.88 18.69 2.03
N VAL B 30 -15.17 17.49 2.53
CA VAL B 30 -15.69 17.33 3.87
C VAL B 30 -14.55 17.45 4.88
N ILE B 31 -14.76 18.27 5.90
CA ILE B 31 -13.82 18.33 6.99
C ILE B 31 -14.46 17.77 8.25
N LYS B 32 -13.82 16.78 8.83
CA LYS B 32 -14.29 16.21 10.05
C LYS B 32 -13.38 16.64 11.18
N SER B 33 -13.99 16.90 12.34
CA SER B 33 -13.29 17.27 13.56
C SER B 33 -13.81 16.45 14.74
N SER B 34 -12.92 16.00 15.61
CA SER B 34 -13.32 15.25 16.78
C SER B 34 -13.81 16.14 17.90
N SER B 35 -13.89 17.43 17.62
CA SER B 35 -14.08 18.45 18.63
C SER B 35 -14.79 19.68 18.08
N LEU B 36 -15.86 20.10 18.75
CA LEU B 36 -16.51 21.38 18.43
C LEU B 36 -15.55 22.49 18.81
N GLU B 37 -14.71 22.21 19.81
CA GLU B 37 -13.74 23.17 20.27
C GLU B 37 -12.74 23.56 19.20
N HIS B 38 -12.28 22.60 18.40
CA HIS B 38 -11.32 22.96 17.36
C HIS B 38 -11.92 23.77 16.26
N VAL B 39 -13.16 23.51 15.97
CA VAL B 39 -13.91 24.19 14.95
C VAL B 39 -14.15 25.65 15.32
N LYS B 40 -14.48 25.90 16.57
CA LYS B 40 -14.66 27.26 17.06
C LYS B 40 -13.36 28.02 16.99
N LYS B 41 -12.30 27.39 17.44
CA LYS B 41 -11.01 28.01 17.35
C LYS B 41 -10.59 28.26 15.91
N SER B 42 -11.02 27.40 14.99
CA SER B 42 -10.73 27.66 13.60
C SER B 42 -11.37 28.98 13.20
N PHE B 43 -12.58 29.20 13.68
CA PHE B 43 -13.30 30.42 13.35
C PHE B 43 -12.64 31.67 13.93
N TYR B 44 -12.18 31.60 15.16
CA TYR B 44 -11.60 32.75 15.81
C TYR B 44 -10.21 33.11 15.32
N ASN B 45 -9.47 32.15 14.80
CA ASN B 45 -8.09 32.37 14.36
C ASN B 45 -7.87 32.32 12.86
N GLY B 46 -8.86 31.89 12.11
CA GLY B 46 -8.74 31.88 10.68
C GLY B 46 -7.74 30.90 10.16
N ILE B 47 -7.54 29.80 10.88
CA ILE B 47 -6.70 28.73 10.38
C ILE B 47 -7.32 27.36 10.57
N TRP B 48 -6.81 26.38 9.83
CA TRP B 48 -7.20 25.01 10.03
C TRP B 48 -6.02 24.09 9.75
N SER B 49 -6.11 22.89 10.29
CA SER B 49 -5.14 21.86 10.06
C SER B 49 -5.85 20.51 10.06
N SER B 50 -5.39 19.59 9.23
CA SER B 50 -5.95 18.25 9.14
C SER B 50 -4.87 17.29 9.62
N THR B 51 -5.01 16.01 9.31
CA THR B 51 -3.95 15.04 9.61
C THR B 51 -2.76 15.18 8.66
N PHE B 52 -1.75 14.34 8.84
CA PHE B 52 -0.58 14.30 7.97
C PHE B 52 -1.01 14.13 6.51
N TYR B 53 -1.82 13.11 6.24
CA TYR B 53 -2.31 12.85 4.89
C TYR B 53 -3.43 13.78 4.43
N GLY B 54 -4.31 14.14 5.31
CA GLY B 54 -5.36 15.07 4.96
C GLY B 54 -4.78 16.38 4.54
N ASN B 55 -3.79 16.86 5.29
CA ASN B 55 -3.08 18.06 4.89
C ASN B 55 -2.38 17.90 3.54
N LYS B 56 -1.80 16.74 3.25
CA LYS B 56 -1.14 16.53 1.96
C LYS B 56 -2.11 16.58 0.78
N ARG B 57 -3.29 16.04 1.00
CA ARG B 57 -4.34 16.00 0.01
C ARG B 57 -4.91 17.40 -0.28
N LEU B 58 -5.17 18.15 0.79
CA LEU B 58 -5.69 19.50 0.65
C LEU B 58 -4.66 20.42 0.03
N SER B 59 -3.41 20.27 0.39
CA SER B 59 -2.34 21.09 -0.16
C SER B 59 -2.21 20.86 -1.65
N GLU B 60 -2.17 19.61 -2.06
CA GLU B 60 -2.01 19.32 -3.47
C GLU B 60 -3.15 19.87 -4.30
N ALA B 61 -4.36 19.75 -3.80
CA ALA B 61 -5.53 20.27 -4.47
C ALA B 61 -5.52 21.79 -4.52
N TYR B 62 -5.01 22.43 -3.49
CA TYR B 62 -4.96 23.88 -3.42
C TYR B 62 -4.01 24.47 -4.48
N GLU B 63 -2.82 23.88 -4.56
CA GLU B 63 -1.82 24.23 -5.57
C GLU B 63 -2.28 24.04 -6.99
N SER B 64 -3.07 23.00 -7.22
CA SER B 64 -3.47 22.64 -8.55
C SER B 64 -4.55 23.50 -9.14
N LEU B 65 -5.11 24.38 -8.33
CA LEU B 65 -6.27 25.11 -8.80
C LEU B 65 -5.95 26.05 -9.94
N PRO B 66 -6.80 26.02 -10.96
CA PRO B 66 -6.88 27.03 -12.01
C PRO B 66 -7.12 28.37 -11.34
N GLN B 67 -6.84 29.49 -12.01
CA GLN B 67 -6.67 30.78 -11.36
C GLN B 67 -7.79 31.33 -10.47
N GLY B 68 -9.04 31.17 -10.87
CA GLY B 68 -10.11 31.77 -10.09
C GLY B 68 -10.67 30.90 -9.00
N ALA B 69 -10.32 29.63 -9.05
CA ALA B 69 -11.01 28.61 -8.27
C ALA B 69 -10.65 28.60 -6.79
N LYS B 70 -11.56 28.05 -6.00
CA LYS B 70 -11.38 28.00 -4.59
C LYS B 70 -11.50 26.57 -4.12
N ILE B 71 -11.14 26.32 -2.87
CA ILE B 71 -11.42 25.05 -2.25
C ILE B 71 -12.30 25.30 -1.07
N TYR B 72 -13.48 24.73 -1.10
CA TYR B 72 -14.45 24.92 -0.06
C TYR B 72 -14.39 23.78 0.93
N LEU B 73 -14.52 24.10 2.19
CA LEU B 73 -14.50 23.09 3.22
C LEU B 73 -15.84 23.04 3.96
N LEU B 74 -16.45 21.85 3.99
CA LEU B 74 -17.70 21.65 4.69
C LEU B 74 -17.48 20.95 6.01
N PHE B 75 -17.61 21.69 7.10
CA PHE B 75 -17.22 21.20 8.41
C PHE B 75 -18.31 20.39 9.11
N SER B 76 -17.89 19.30 9.74
CA SER B 76 -18.81 18.48 10.48
C SER B 76 -18.07 17.85 11.65
N VAL B 77 -18.62 17.98 12.84
CA VAL B 77 -18.05 17.39 14.02
C VAL B 77 -18.46 15.94 14.13
N ASN B 78 -17.54 15.09 14.53
CA ASN B 78 -17.82 13.68 14.73
C ASN B 78 -19.03 13.46 15.58
N ALA B 79 -19.91 12.57 15.15
CA ALA B 79 -21.07 12.18 15.93
C ALA B 79 -21.98 13.35 16.30
N SER B 80 -21.87 14.47 15.60
CA SER B 80 -22.68 15.61 15.92
C SER B 80 -24.05 15.53 15.27
N GLY B 81 -24.15 14.65 14.28
CA GLY B 81 -25.37 14.53 13.53
C GLY B 81 -25.64 15.69 12.61
N ARG B 82 -24.64 16.48 12.29
CA ARG B 82 -24.83 17.61 11.40
C ARG B 82 -23.54 18.10 10.80
N PHE B 83 -23.68 19.01 9.86
CA PHE B 83 -22.60 19.84 9.40
C PHE B 83 -22.80 21.21 10.03
N CYS B 84 -21.74 21.97 10.26
CA CYS B 84 -21.89 23.19 11.04
C CYS B 84 -21.33 24.45 10.41
N GLY B 85 -20.80 24.34 9.20
CA GLY B 85 -20.35 25.53 8.51
C GLY B 85 -19.44 25.26 7.34
N VAL B 86 -19.12 26.34 6.62
CA VAL B 86 -18.32 26.31 5.41
C VAL B 86 -17.20 27.33 5.47
N ALA B 87 -16.00 26.93 5.08
CA ALA B 87 -14.89 27.87 4.97
C ALA B 87 -14.14 27.64 3.68
N GLU B 88 -13.40 28.64 3.22
CA GLU B 88 -12.47 28.46 2.11
C GLU B 88 -11.04 28.42 2.61
N SER B 90 -7.42 29.92 2.31
CA SER B 90 -6.95 31.21 1.87
C SER B 90 -5.48 31.14 1.77
N SER B 91 -4.93 29.97 2.05
CA SER B 91 -3.51 29.80 1.86
C SER B 91 -3.17 28.34 1.66
N ASN B 92 -1.98 28.09 1.19
CA ASN B 92 -1.46 26.75 1.21
C ASN B 92 -0.96 26.47 2.61
N LEU B 93 -0.43 25.29 2.81
CA LEU B 93 0.09 24.88 4.08
C LEU B 93 1.29 25.75 4.48
N ARG B 94 1.37 26.13 5.75
CA ARG B 94 2.50 26.95 6.20
C ARG B 94 3.08 26.40 7.49
N GLU B 95 4.20 26.94 7.92
CA GLU B 95 4.83 26.47 9.15
C GLU B 95 4.83 27.55 10.21
N ASP B 96 4.52 28.77 9.79
CA ASP B 96 4.62 29.91 10.67
C ASP B 96 3.27 30.34 11.21
N LEU B 97 2.34 29.41 11.34
CA LEU B 97 1.04 29.75 11.88
C LEU B 97 0.88 29.18 13.26
N ASP B 98 -0.10 29.70 13.98
CA ASP B 98 -0.22 29.41 15.40
C ASP B 98 -0.95 28.08 15.67
N THR B 99 -0.26 26.96 15.59
CA THR B 99 -0.91 25.67 15.76
C THR B 99 -1.00 25.18 17.19
N SER B 100 -0.61 25.99 18.15
CA SER B 100 -0.69 25.54 19.53
C SER B 100 -2.12 25.56 20.03
N ILE B 101 -3.00 26.26 19.33
CA ILE B 101 -4.38 26.42 19.77
C ILE B 101 -5.15 25.10 19.78
N TRP B 102 -4.56 24.06 19.22
CA TRP B 102 -5.24 22.77 19.16
C TRP B 102 -4.64 21.68 20.03
N GLY B 103 -3.66 21.98 20.86
CA GLY B 103 -3.10 20.96 21.72
C GLY B 103 -1.97 20.23 21.02
N TYR B 108 -0.93 18.11 15.04
CA TYR B 108 -1.21 19.21 14.14
C TYR B 108 -0.10 20.25 14.10
N ARG B 109 1.00 19.98 13.40
CA ARG B 109 2.14 20.91 13.37
C ARG B 109 2.13 21.93 12.21
N HIS B 110 1.34 21.70 11.16
CA HIS B 110 1.21 22.71 10.12
C HIS B 110 -0.24 23.11 9.93
N ALA B 111 -0.46 24.26 9.34
CA ALA B 111 -1.80 24.73 9.11
C ALA B 111 -1.84 25.64 7.91
N PHE B 112 -3.04 25.95 7.47
CA PHE B 112 -3.25 26.86 6.38
C PHE B 112 -4.32 27.79 6.82
N LYS B 113 -4.41 28.93 6.15
CA LYS B 113 -5.40 29.92 6.49
C LYS B 113 -6.76 29.53 5.94
N VAL B 114 -7.81 29.87 6.65
CA VAL B 114 -9.15 29.66 6.13
C VAL B 114 -9.97 30.94 6.24
N ARG B 115 -10.89 31.10 5.32
CA ARG B 115 -11.83 32.20 5.31
C ARG B 115 -13.21 31.62 5.61
N TRP B 116 -13.75 31.80 6.80
CA TRP B 116 -15.06 31.21 7.07
C TRP B 116 -16.16 31.99 6.36
N ILE B 117 -17.09 31.26 5.75
CA ILE B 117 -18.13 31.83 4.93
C ILE B 117 -19.49 31.66 5.57
N VAL B 118 -19.75 30.45 6.02
CA VAL B 118 -21.02 30.12 6.61
C VAL B 118 -20.81 29.48 7.96
N VAL B 119 -21.56 29.94 8.96
CA VAL B 119 -21.63 29.27 10.24
C VAL B 119 -23.10 29.05 10.56
N ARG B 120 -23.54 27.81 10.42
CA ARG B 120 -24.92 27.46 10.60
C ARG B 120 -25.06 25.95 10.57
N ASP B 121 -25.92 25.40 11.42
CA ASP B 121 -26.17 23.96 11.43
C ASP B 121 -27.05 23.48 10.28
N VAL B 122 -26.69 22.33 9.72
CA VAL B 122 -27.52 21.65 8.75
C VAL B 122 -27.55 20.21 9.15
N HIS B 123 -28.71 19.66 9.41
CA HIS B 123 -28.75 18.33 9.98
C HIS B 123 -28.46 17.27 8.94
N ASN B 124 -27.89 16.16 9.39
CA ASN B 124 -27.59 15.03 8.52
C ASN B 124 -28.83 14.59 7.75
N ARG B 125 -29.94 14.52 8.48
CA ARG B 125 -31.27 14.34 7.93
C ARG B 125 -31.50 15.05 6.60
N SER B 126 -31.05 16.29 6.49
CA SER B 126 -31.32 17.08 5.29
C SER B 126 -30.26 16.83 4.24
N LEU B 127 -29.25 16.03 4.54
CA LEU B 127 -28.15 15.89 3.60
C LEU B 127 -27.91 14.45 3.11
N LYS B 128 -28.53 13.47 3.72
CA LYS B 128 -28.24 12.07 3.42
C LYS B 128 -28.80 11.64 2.05
N GLN B 129 -29.43 12.58 1.36
CA GLN B 129 -29.90 12.38 0.02
C GLN B 129 -28.74 12.36 -0.92
N PHE B 130 -27.70 13.09 -0.56
CA PHE B 130 -26.59 13.27 -1.47
C PHE B 130 -25.60 12.13 -1.39
N LEU B 131 -25.64 11.27 -2.39
CA LEU B 131 -24.80 10.09 -2.41
C LEU B 131 -23.54 10.38 -3.19
N ILE B 132 -22.39 9.93 -2.70
CA ILE B 132 -21.14 10.28 -3.36
C ILE B 132 -20.64 9.12 -4.22
N PRO B 133 -20.64 9.30 -5.55
CA PRO B 133 -20.28 8.23 -6.48
C PRO B 133 -18.89 7.65 -6.27
N ALA B 134 -17.89 8.47 -5.95
CA ALA B 134 -16.53 7.98 -5.85
C ALA B 134 -16.25 7.44 -4.47
N ASN B 135 -17.28 7.46 -3.64
CA ASN B 135 -17.23 6.88 -2.31
C ASN B 135 -18.25 5.73 -2.18
N ASP B 136 -18.35 4.88 -3.21
CA ASP B 136 -19.18 3.67 -3.18
C ASP B 136 -20.67 3.96 -2.91
N LYS B 138 -21.97 5.89 -0.94
CA LYS B 138 -22.27 6.32 0.41
C LYS B 138 -22.73 7.77 0.45
N PRO B 139 -23.61 8.10 1.42
CA PRO B 139 -24.11 9.46 1.62
C PRO B 139 -23.01 10.41 2.04
N VAL B 140 -23.13 11.67 1.66
CA VAL B 140 -22.15 12.67 2.02
C VAL B 140 -21.98 12.75 3.53
N THR B 141 -23.03 12.42 4.27
CA THR B 141 -23.02 12.49 5.72
C THR B 141 -22.21 11.36 6.34
N ASN B 142 -21.68 10.48 5.52
CA ASN B 142 -20.86 9.39 6.01
C ASN B 142 -19.48 9.47 5.40
N SER B 143 -18.86 10.62 5.54
CA SER B 143 -17.56 10.84 4.93
C SER B 143 -16.45 10.96 5.95
N ARG B 144 -15.29 10.54 5.55
CA ARG B 144 -14.14 10.76 6.36
C ARG B 144 -13.61 12.16 6.10
N ASP B 145 -12.69 12.56 6.95
CA ASP B 145 -11.99 13.79 6.82
C ASP B 145 -11.29 13.88 5.47
N THR B 146 -11.53 14.98 4.78
CA THR B 146 -10.99 15.27 3.43
C THR B 146 -11.52 14.38 2.32
N GLN B 147 -12.73 13.87 2.49
CA GLN B 147 -13.48 13.26 1.40
C GLN B 147 -13.90 14.34 0.41
N GLU B 148 -13.56 14.13 -0.87
CA GLU B 148 -13.91 15.12 -1.89
C GLU B 148 -15.33 14.91 -2.37
N ILE B 149 -16.03 15.99 -2.63
CA ILE B 149 -17.40 15.98 -3.08
C ILE B 149 -17.46 16.57 -4.45
N PRO B 150 -18.24 15.96 -5.35
CA PRO B 150 -18.36 16.56 -6.69
C PRO B 150 -19.02 17.95 -6.67
N ALA B 151 -18.73 18.76 -7.67
CA ALA B 151 -19.15 20.15 -7.69
C ALA B 151 -20.68 20.34 -7.69
N THR B 152 -21.38 19.57 -8.51
CA THR B 152 -22.82 19.73 -8.61
C THR B 152 -23.51 19.39 -7.29
N ILE B 153 -23.15 18.30 -6.65
CA ILE B 153 -23.72 17.98 -5.34
C ILE B 153 -23.43 19.06 -4.31
N SER B 154 -22.20 19.53 -4.29
CA SER B 154 -21.77 20.55 -3.34
C SER B 154 -22.57 21.80 -3.46
N LYS B 155 -22.85 22.20 -4.70
CA LYS B 155 -23.63 23.40 -4.95
C LYS B 155 -25.05 23.29 -4.40
N SER B 156 -25.63 22.10 -4.44
CA SER B 156 -26.92 21.88 -3.83
C SER B 156 -26.83 22.03 -2.32
N ILE B 157 -25.75 21.50 -1.76
CA ILE B 157 -25.51 21.58 -0.33
C ILE B 157 -25.32 22.99 0.14
N LEU B 158 -24.57 23.76 -0.63
CA LEU B 158 -24.35 25.15 -0.25
C LEU B 158 -25.68 25.86 -0.26
N LYS B 159 -26.55 25.52 -1.20
CA LYS B 159 -27.90 26.09 -1.21
C LYS B 159 -28.62 25.78 0.11
N LEU B 160 -28.50 24.56 0.59
CA LEU B 160 -29.11 24.18 1.85
C LEU B 160 -28.59 24.98 3.04
N PHE B 161 -27.37 25.48 2.95
CA PHE B 161 -26.84 26.26 4.04
C PHE B 161 -27.56 27.59 4.12
N LYS B 162 -28.15 28.00 3.01
CA LYS B 162 -28.86 29.26 2.99
C LYS B 162 -30.38 29.16 3.04
N TYR B 163 -30.96 27.95 3.04
CA TYR B 163 -32.41 27.88 2.92
C TYR B 163 -33.10 26.78 3.76
N VAL B 168 -32.97 27.93 12.96
CA VAL B 168 -31.60 28.30 12.61
C VAL B 168 -30.68 28.29 13.81
N GLN B 169 -29.75 27.35 13.87
CA GLN B 169 -28.77 27.32 14.94
C GLN B 169 -27.34 27.35 14.42
N SER B 170 -26.39 27.48 15.32
CA SER B 170 -24.98 27.60 14.93
C SER B 170 -24.07 27.47 16.13
N PHE B 171 -22.80 27.16 15.91
CA PHE B 171 -21.91 26.99 17.04
C PHE B 171 -21.45 28.34 17.60
N LEU B 172 -21.91 29.42 17.00
CA LEU B 172 -21.60 30.76 17.50
C LEU B 172 -22.71 31.34 18.35
N ASP B 173 -23.58 30.49 18.91
CA ASP B 173 -24.74 31.02 19.63
C ASP B 173 -24.51 31.30 21.10
N ASP B 174 -23.34 31.80 21.46
CA ASP B 174 -23.07 32.13 22.87
C ASP B 174 -22.41 33.52 22.94
N GLY C 13 43.10 -2.33 18.01
CA GLY C 13 41.86 -1.76 18.54
C GLY C 13 40.58 -2.60 18.54
N ALA C 14 40.50 -3.57 17.63
CA ALA C 14 39.32 -4.39 17.41
C ALA C 14 38.88 -5.30 18.56
N ILE C 15 37.59 -5.63 18.62
CA ILE C 15 37.09 -6.59 19.60
C ILE C 15 36.60 -7.87 18.94
N ILE C 16 37.33 -8.95 19.18
CA ILE C 16 37.02 -10.23 18.58
C ILE C 16 37.01 -11.30 19.64
N PRO C 17 35.81 -11.74 20.06
CA PRO C 17 35.55 -12.70 21.14
C PRO C 17 36.03 -14.11 20.82
N PRO C 18 36.33 -14.94 21.84
CA PRO C 18 36.75 -16.31 21.57
C PRO C 18 35.74 -17.17 20.82
N TRP C 19 34.49 -17.14 21.26
CA TRP C 19 33.40 -17.83 20.61
C TRP C 19 32.11 -17.02 20.68
N ILE C 20 31.16 -17.36 19.82
CA ILE C 20 29.82 -16.80 19.89
C ILE C 20 28.76 -17.89 19.99
N HIS C 21 28.03 -17.95 21.11
CA HIS C 21 26.96 -18.93 21.22
C HIS C 21 25.66 -18.34 20.74
N VAL C 22 25.14 -18.89 19.65
CA VAL C 22 23.90 -18.41 19.12
C VAL C 22 22.83 -19.33 19.66
N PRO C 23 22.01 -18.85 20.59
CA PRO C 23 20.95 -19.72 21.05
C PRO C 23 20.03 -20.08 19.91
N ASP C 24 19.46 -21.28 19.91
CA ASP C 24 18.58 -21.68 18.83
C ASP C 24 17.43 -20.68 18.73
N HIS C 25 16.87 -20.55 17.53
CA HIS C 25 15.73 -19.67 17.24
C HIS C 25 16.04 -18.18 17.27
N SER C 26 17.30 -17.82 17.19
CA SER C 26 17.67 -16.42 17.13
C SER C 26 17.40 -15.91 15.74
N ARG C 27 17.25 -14.60 15.61
CA ARG C 27 17.03 -13.98 14.31
C ARG C 27 18.10 -12.92 14.09
N PHE C 28 18.30 -12.54 12.84
CA PHE C 28 19.41 -11.71 12.43
C PHE C 28 18.97 -10.62 11.49
N PHE C 29 19.45 -9.39 11.72
CA PHE C 29 19.10 -8.26 10.90
C PHE C 29 20.31 -7.46 10.51
N VAL C 30 20.32 -6.95 9.29
CA VAL C 30 21.27 -5.93 8.86
C VAL C 30 20.85 -4.58 9.40
N ILE C 31 21.77 -3.88 10.02
CA ILE C 31 21.54 -2.54 10.44
C ILE C 31 22.36 -1.64 9.57
N LYS C 32 21.74 -0.66 8.96
CA LYS C 32 22.51 0.30 8.20
C LYS C 32 22.53 1.63 8.94
N SER C 33 23.63 2.36 8.86
CA SER C 33 23.67 3.69 9.44
C SER C 33 24.27 4.66 8.45
N SER C 34 23.71 5.86 8.37
CA SER C 34 24.21 6.82 7.38
C SER C 34 25.47 7.51 7.89
N SER C 35 25.94 7.06 9.04
CA SER C 35 26.96 7.74 9.80
C SER C 35 27.80 6.75 10.60
N LEU C 36 29.11 6.80 10.45
CA LEU C 36 29.97 5.99 11.32
C LEU C 36 29.94 6.50 12.75
N GLU C 37 29.77 7.81 12.90
CA GLU C 37 29.74 8.41 14.21
C GLU C 37 28.57 7.92 15.04
N HIS C 38 27.42 7.74 14.43
CA HIS C 38 26.28 7.19 15.17
C HIS C 38 26.58 5.79 15.65
N VAL C 39 27.36 5.04 14.87
CA VAL C 39 27.71 3.69 15.24
C VAL C 39 28.67 3.70 16.42
N LYS C 40 29.64 4.59 16.39
CA LYS C 40 30.58 4.68 17.49
C LYS C 40 29.87 5.04 18.76
N LYS C 41 28.95 6.00 18.66
CA LYS C 41 28.16 6.36 19.82
C LYS C 41 27.33 5.18 20.33
N SER C 42 26.90 4.31 19.46
CA SER C 42 26.21 3.13 19.94
C SER C 42 27.09 2.23 20.80
N PHE C 43 28.32 2.07 20.35
CA PHE C 43 29.25 1.21 21.04
C PHE C 43 29.62 1.72 22.41
N TYR C 44 29.87 3.02 22.49
CA TYR C 44 30.26 3.64 23.72
C TYR C 44 29.08 3.77 24.67
N ASN C 45 27.86 3.87 24.13
CA ASN C 45 26.70 4.08 24.97
C ASN C 45 25.70 2.94 25.11
N GLY C 46 25.85 1.89 24.32
CA GLY C 46 25.02 0.69 24.46
C GLY C 46 23.54 0.82 24.14
N ILE C 47 23.19 1.74 23.26
CA ILE C 47 21.83 1.83 22.77
C ILE C 47 21.83 1.96 21.25
N TRP C 48 20.70 1.64 20.64
CA TRP C 48 20.52 1.86 19.21
C TRP C 48 19.10 2.19 18.86
N SER C 49 18.94 2.82 17.73
CA SER C 49 17.63 3.15 17.20
C SER C 49 17.64 3.12 15.70
N SER C 50 16.52 2.72 15.12
CA SER C 50 16.34 2.63 13.69
C SER C 50 15.32 3.65 13.32
N THR C 51 14.72 3.48 12.17
CA THR C 51 13.59 4.33 11.78
C THR C 51 12.30 3.97 12.52
N PHE C 52 11.26 4.74 12.21
CA PHE C 52 9.95 4.46 12.73
C PHE C 52 9.57 3.02 12.42
N TYR C 53 9.64 2.65 11.16
CA TYR C 53 9.26 1.31 10.77
C TYR C 53 10.28 0.29 11.16
N GLY C 54 11.55 0.68 11.10
CA GLY C 54 12.64 -0.19 11.47
C GLY C 54 12.56 -0.61 12.89
N ASN C 55 12.25 0.34 13.76
CA ASN C 55 12.01 0.05 15.16
C ASN C 55 10.85 -0.88 15.37
N LYS C 56 9.78 -0.66 14.62
CA LYS C 56 8.58 -1.47 14.78
C LYS C 56 8.88 -2.92 14.42
N ARG C 57 9.70 -3.11 13.40
CA ARG C 57 10.09 -4.42 12.95
C ARG C 57 11.02 -5.12 13.95
N LEU C 58 12.02 -4.42 14.48
CA LEU C 58 12.92 -5.01 15.46
C LEU C 58 12.22 -5.30 16.77
N SER C 59 11.29 -4.45 17.14
CA SER C 59 10.52 -4.60 18.37
C SER C 59 9.71 -5.87 18.31
N GLU C 60 9.04 -6.07 17.19
CA GLU C 60 8.20 -7.24 17.06
C GLU C 60 9.02 -8.52 17.11
N ALA C 61 10.16 -8.52 16.45
CA ALA C 61 10.99 -9.70 16.43
C ALA C 61 11.54 -10.01 17.80
N TYR C 62 11.86 -8.98 18.55
CA TYR C 62 12.43 -9.16 19.86
C TYR C 62 11.42 -9.80 20.78
N GLU C 63 10.21 -9.28 20.76
CA GLU C 63 9.14 -9.82 21.58
C GLU C 63 8.77 -11.26 21.28
N SER C 64 8.85 -11.65 20.02
CA SER C 64 8.43 -12.96 19.58
C SER C 64 9.39 -14.06 19.89
N LEU C 65 10.56 -13.72 20.40
CA LEU C 65 11.58 -14.71 20.58
C LEU C 65 11.19 -15.71 21.65
N PRO C 66 11.39 -17.00 21.37
CA PRO C 66 11.32 -18.01 22.41
C PRO C 66 12.38 -17.72 23.46
N GLN C 67 12.18 -18.17 24.68
CA GLN C 67 13.09 -17.78 25.73
C GLN C 67 14.46 -18.36 25.48
N GLY C 68 15.48 -17.54 25.72
CA GLY C 68 16.86 -17.90 25.50
C GLY C 68 17.42 -17.30 24.24
N ALA C 69 16.52 -16.91 23.34
CA ALA C 69 16.92 -16.49 22.00
C ALA C 69 17.31 -15.03 21.99
N LYS C 70 18.10 -14.65 21.02
CA LYS C 70 18.56 -13.28 20.90
C LYS C 70 18.30 -12.71 19.52
N ILE C 71 18.46 -11.41 19.39
CA ILE C 71 18.44 -10.79 18.08
C ILE C 71 19.77 -10.14 17.78
N TYR C 72 20.41 -10.60 16.71
CA TYR C 72 21.73 -10.14 16.33
C TYR C 72 21.63 -9.06 15.28
N LEU C 73 22.50 -8.05 15.41
CA LEU C 73 22.58 -6.93 14.50
C LEU C 73 23.92 -6.91 13.79
N LEU C 74 23.89 -6.91 12.46
CA LEU C 74 25.11 -6.82 11.71
C LEU C 74 25.22 -5.42 11.14
N PHE C 75 26.10 -4.59 11.72
CA PHE C 75 26.12 -3.17 11.39
C PHE C 75 26.96 -2.92 10.15
N SER C 76 26.52 -1.98 9.35
CA SER C 76 27.21 -1.57 8.15
C SER C 76 26.90 -0.12 7.87
N VAL C 77 27.92 0.70 7.69
CA VAL C 77 27.72 2.10 7.39
C VAL C 77 27.47 2.25 5.92
N ASN C 78 26.52 3.12 5.56
CA ASN C 78 26.21 3.37 4.17
C ASN C 78 27.45 3.74 3.41
N ALA C 79 27.63 3.08 2.27
CA ALA C 79 28.75 3.32 1.35
C ALA C 79 30.11 3.05 1.96
N SER C 80 30.16 2.33 3.06
CA SER C 80 31.42 2.06 3.66
C SER C 80 32.10 0.90 2.97
N GLY C 81 31.35 0.15 2.17
CA GLY C 81 31.92 -1.00 1.50
C GLY C 81 32.25 -2.11 2.45
N ARG C 82 31.70 -2.09 3.66
CA ARG C 82 31.98 -3.14 4.64
C ARG C 82 30.96 -3.24 5.75
N PHE C 83 31.07 -4.28 6.55
CA PHE C 83 30.36 -4.38 7.81
C PHE C 83 31.36 -4.13 8.92
N CYS C 84 30.89 -3.59 10.04
CA CYS C 84 31.83 -3.13 11.02
C CYS C 84 31.57 -3.66 12.42
N GLY C 85 30.61 -4.56 12.58
CA GLY C 85 30.41 -5.17 13.88
C GLY C 85 29.11 -5.86 14.14
N VAL C 86 29.01 -6.46 15.30
CA VAL C 86 27.80 -7.17 15.68
C VAL C 86 27.39 -6.82 17.10
N ALA C 87 26.10 -6.56 17.29
CA ALA C 87 25.56 -6.32 18.62
C ALA C 87 24.36 -7.20 18.80
N GLU C 88 23.95 -7.46 20.02
CA GLU C 88 22.68 -8.10 20.30
C GLU C 88 21.74 -7.03 20.82
N SER C 90 19.32 -5.90 23.64
CA SER C 90 19.26 -6.38 25.02
C SER C 90 18.06 -5.78 25.73
N SER C 91 17.23 -5.09 24.97
CA SER C 91 15.96 -4.63 25.49
C SER C 91 15.00 -4.40 24.33
N ASN C 92 13.71 -4.29 24.63
CA ASN C 92 12.76 -3.82 23.67
C ASN C 92 12.88 -2.30 23.57
N LEU C 93 12.07 -1.67 22.72
CA LEU C 93 12.14 -0.23 22.53
C LEU C 93 11.73 0.56 23.78
N ARG C 94 12.40 1.67 24.03
CA ARG C 94 12.08 2.47 25.21
C ARG C 94 11.97 3.91 24.86
N GLU C 95 11.50 4.71 25.81
CA GLU C 95 11.27 6.14 25.63
C GLU C 95 12.22 6.98 26.50
N ASP C 96 12.86 6.32 27.46
CA ASP C 96 13.65 6.99 28.47
C ASP C 96 15.17 6.84 28.31
N LEU C 97 15.67 6.71 27.10
CA LEU C 97 17.10 6.52 26.93
C LEU C 97 17.73 7.77 26.36
N ASP C 98 19.04 7.87 26.44
CA ASP C 98 19.79 9.07 26.09
C ASP C 98 20.03 9.15 24.59
N THR C 99 19.04 9.60 23.86
CA THR C 99 19.14 9.65 22.42
C THR C 99 19.74 10.93 21.90
N SER C 100 20.19 11.78 22.81
CA SER C 100 20.79 13.04 22.42
C SER C 100 22.20 12.80 21.92
N ILE C 101 22.72 11.61 22.12
CA ILE C 101 24.06 11.29 21.63
C ILE C 101 24.12 11.29 20.12
N TRP C 102 22.96 11.29 19.47
CA TRP C 102 22.87 11.30 18.01
C TRP C 102 22.37 12.63 17.52
N GLY C 103 22.30 13.60 18.41
CA GLY C 103 21.79 14.91 18.09
C GLY C 103 20.33 15.05 18.44
N SER C 106 16.14 15.15 17.88
CA SER C 106 16.00 14.89 16.45
C SER C 106 14.98 13.78 16.17
N ARG C 107 15.37 12.81 15.34
CA ARG C 107 14.41 11.85 14.78
C ARG C 107 14.43 10.48 15.48
N TYR C 108 15.44 10.27 16.31
CA TYR C 108 15.56 9.04 17.08
C TYR C 108 15.12 9.30 18.52
N ARG C 109 13.82 9.36 18.75
CA ARG C 109 13.26 9.74 20.04
C ARG C 109 13.11 8.53 20.94
N HIS C 110 13.21 7.34 20.36
CA HIS C 110 13.15 6.10 21.12
C HIS C 110 14.39 5.33 20.83
N ALA C 111 14.70 4.36 21.67
CA ALA C 111 15.84 3.50 21.42
C ALA C 111 15.68 2.20 22.15
N PHE C 112 16.56 1.25 21.89
CA PHE C 112 16.60 0.05 22.67
C PHE C 112 18.06 -0.23 23.03
N LYS C 113 18.27 -1.01 24.08
CA LYS C 113 19.61 -1.34 24.54
C LYS C 113 20.32 -2.36 23.66
N VAL C 114 21.62 -2.22 23.49
CA VAL C 114 22.39 -3.21 22.75
C VAL C 114 23.68 -3.62 23.44
N ARG C 115 24.10 -4.84 23.22
CA ARG C 115 25.37 -5.32 23.73
C ARG C 115 26.31 -5.58 22.57
N TRP C 116 27.32 -4.76 22.36
CA TRP C 116 28.22 -5.03 21.25
C TRP C 116 29.09 -6.24 21.55
N ILE C 117 29.23 -7.10 20.56
CA ILE C 117 29.97 -8.35 20.68
C ILE C 117 31.19 -8.37 19.82
N VAL C 118 31.03 -7.88 18.61
CA VAL C 118 32.13 -7.87 17.68
C VAL C 118 32.31 -6.48 17.16
N VAL C 119 33.54 -5.99 17.18
CA VAL C 119 33.84 -4.76 16.49
C VAL C 119 35.02 -5.03 15.59
N ARG C 120 34.77 -5.13 14.30
CA ARG C 120 35.80 -5.51 13.33
C ARG C 120 35.24 -5.29 11.94
N ASP C 121 36.05 -4.77 11.04
CA ASP C 121 35.59 -4.61 9.68
C ASP C 121 35.65 -5.92 8.91
N VAL C 122 34.63 -6.15 8.08
CA VAL C 122 34.63 -7.23 7.11
C VAL C 122 34.15 -6.65 5.81
N HIS C 123 34.95 -6.80 4.76
CA HIS C 123 34.71 -6.12 3.50
C HIS C 123 33.58 -6.76 2.71
N ASN C 124 32.83 -5.94 1.99
CA ASN C 124 31.78 -6.47 1.17
C ASN C 124 32.25 -7.53 0.21
N ARG C 125 33.40 -7.28 -0.42
CA ARG C 125 34.06 -8.27 -1.26
C ARG C 125 33.93 -9.67 -0.70
N SER C 126 34.09 -9.82 0.60
CA SER C 126 34.09 -11.12 1.22
C SER C 126 32.72 -11.62 1.63
N LEU C 127 31.70 -10.82 1.41
CA LEU C 127 30.36 -11.18 1.85
C LEU C 127 29.35 -11.22 0.73
N LYS C 128 29.73 -10.74 -0.46
CA LYS C 128 28.76 -10.56 -1.53
C LYS C 128 28.32 -11.89 -2.10
N GLN C 129 28.91 -12.96 -1.60
CA GLN C 129 28.53 -14.32 -1.94
C GLN C 129 27.23 -14.80 -1.25
N PHE C 130 26.90 -14.21 -0.12
CA PHE C 130 25.72 -14.60 0.64
C PHE C 130 24.47 -13.93 0.11
N LEU C 131 23.67 -14.69 -0.62
CA LEU C 131 22.46 -14.20 -1.23
C LEU C 131 21.25 -14.42 -0.34
N ILE C 132 20.39 -13.43 -0.26
CA ILE C 132 19.24 -13.50 0.61
C ILE C 132 17.99 -13.85 -0.19
N PRO C 133 17.44 -15.06 0.00
CA PRO C 133 16.28 -15.52 -0.75
C PRO C 133 15.04 -14.64 -0.64
N ALA C 134 14.76 -14.07 0.50
CA ALA C 134 13.53 -13.30 0.62
C ALA C 134 13.72 -11.86 0.18
N ASN C 135 14.92 -11.53 -0.27
CA ASN C 135 15.19 -10.22 -0.84
C ASN C 135 15.60 -10.37 -2.28
N ASP C 136 14.87 -11.24 -2.98
CA ASP C 136 15.03 -11.44 -4.42
C ASP C 136 16.44 -11.83 -4.75
N LYS C 138 19.24 -10.92 -3.72
CA LYS C 138 20.30 -9.92 -3.66
C LYS C 138 21.35 -10.35 -2.64
N PRO C 139 22.61 -9.93 -2.85
CA PRO C 139 23.68 -10.25 -1.89
C PRO C 139 23.43 -9.58 -0.54
N VAL C 140 23.88 -10.18 0.55
CA VAL C 140 23.67 -9.60 1.86
C VAL C 140 24.20 -8.17 1.95
N THR C 141 25.21 -7.85 1.14
CA THR C 141 25.86 -6.55 1.13
C THR C 141 25.02 -5.49 0.47
N ASN C 142 23.87 -5.89 -0.04
CA ASN C 142 22.99 -4.97 -0.72
C ASN C 142 21.65 -4.97 -0.03
N SER C 143 21.67 -4.76 1.27
CA SER C 143 20.48 -4.81 2.07
C SER C 143 20.12 -3.45 2.63
N ARG C 144 18.84 -3.21 2.85
CA ARG C 144 18.41 -2.01 3.51
C ARG C 144 18.45 -2.23 4.98
N ASP C 145 18.32 -1.16 5.73
CA ASP C 145 18.27 -1.22 7.17
C ASP C 145 17.13 -2.12 7.69
N THR C 146 17.50 -3.03 8.59
CA THR C 146 16.62 -3.99 9.22
C THR C 146 16.16 -5.04 8.26
N GLN C 147 16.98 -5.30 7.26
CA GLN C 147 16.81 -6.46 6.42
C GLN C 147 17.13 -7.72 7.16
N GLU C 148 16.22 -8.69 7.17
CA GLU C 148 16.45 -9.93 7.90
C GLU C 148 17.24 -10.94 7.09
N ILE C 149 18.13 -11.63 7.79
CA ILE C 149 19.01 -12.63 7.23
C ILE C 149 18.69 -13.99 7.83
N PRO C 150 18.65 -15.03 7.00
CA PRO C 150 18.40 -16.39 7.49
C PRO C 150 19.48 -16.90 8.41
N ALA C 151 19.10 -17.82 9.28
CA ALA C 151 19.97 -18.30 10.33
C ALA C 151 21.21 -18.96 9.79
N THR C 152 21.04 -19.85 8.83
CA THR C 152 22.16 -20.64 8.32
C THR C 152 23.19 -19.73 7.64
N ILE C 153 22.72 -18.81 6.81
CA ILE C 153 23.55 -17.79 6.20
C ILE C 153 24.20 -16.90 7.24
N SER C 154 23.45 -16.50 8.26
CA SER C 154 23.99 -15.62 9.28
C SER C 154 25.17 -16.23 10.02
N LYS C 155 25.05 -17.50 10.41
CA LYS C 155 26.13 -18.19 11.08
C LYS C 155 27.38 -18.32 10.20
N SER C 156 27.21 -18.43 8.90
CA SER C 156 28.37 -18.37 8.01
C SER C 156 29.02 -17.00 8.07
N ILE C 157 28.22 -15.94 8.09
CA ILE C 157 28.74 -14.60 8.16
C ILE C 157 29.47 -14.37 9.47
N LEU C 158 28.89 -14.86 10.55
CA LEU C 158 29.48 -14.69 11.85
C LEU C 158 30.85 -15.37 11.93
N LYS C 159 31.03 -16.48 11.21
CA LYS C 159 32.35 -17.10 11.12
C LYS C 159 33.39 -16.11 10.59
N LEU C 160 33.06 -15.37 9.54
CA LEU C 160 33.98 -14.36 9.00
C LEU C 160 34.35 -13.22 9.96
N PHE C 161 33.44 -12.88 10.87
CA PHE C 161 33.71 -11.82 11.83
C PHE C 161 34.74 -12.27 12.85
N LYS C 162 34.90 -13.58 13.00
CA LYS C 162 35.79 -14.15 14.01
C LYS C 162 37.16 -14.66 13.45
N TYR C 163 37.69 -13.98 12.45
CA TYR C 163 38.90 -14.49 11.81
C TYR C 163 40.11 -13.60 12.06
N VAL C 168 43.73 -6.47 9.68
CA VAL C 168 42.59 -6.44 10.60
C VAL C 168 42.32 -5.01 11.05
N GLN C 169 41.18 -4.44 10.65
CA GLN C 169 40.85 -3.07 11.05
C GLN C 169 39.56 -2.97 11.86
N SER C 170 39.26 -1.78 12.35
CA SER C 170 38.10 -1.54 13.19
C SER C 170 37.86 -0.05 13.36
N PHE C 171 36.67 0.32 13.81
CA PHE C 171 36.39 1.72 14.05
C PHE C 171 36.89 2.12 15.43
N LEU C 172 37.45 1.17 16.15
CA LEU C 172 37.99 1.44 17.47
C LEU C 172 39.49 1.67 17.41
N ASP C 173 40.00 2.00 16.22
CA ASP C 173 41.42 2.21 16.01
C ASP C 173 41.77 3.68 16.21
N GLY D 13 -24.25 -8.21 -38.35
CA GLY D 13 -24.55 -7.90 -36.96
C GLY D 13 -23.76 -6.72 -36.38
N ALA D 14 -22.59 -6.44 -36.95
CA ALA D 14 -21.71 -5.41 -36.43
C ALA D 14 -22.30 -4.03 -36.49
N ILE D 15 -21.89 -3.19 -35.56
CA ILE D 15 -22.25 -1.78 -35.57
C ILE D 15 -21.00 -0.96 -35.80
N ILE D 16 -20.89 -0.35 -36.97
CA ILE D 16 -19.72 0.45 -37.28
C ILE D 16 -20.11 1.82 -37.76
N PRO D 17 -19.97 2.83 -36.91
CA PRO D 17 -20.39 4.15 -37.33
C PRO D 17 -19.54 4.70 -38.46
N PRO D 18 -20.13 5.59 -39.28
CA PRO D 18 -19.40 6.29 -40.34
C PRO D 18 -18.30 7.19 -39.81
N TRP D 19 -18.59 7.92 -38.74
CA TRP D 19 -17.62 8.83 -38.15
C TRP D 19 -17.65 8.72 -36.63
N ILE D 20 -16.54 9.03 -35.98
CA ILE D 20 -16.52 9.20 -34.53
C ILE D 20 -15.85 10.51 -34.18
N HIS D 21 -16.62 11.43 -33.63
CA HIS D 21 -16.07 12.71 -33.22
C HIS D 21 -15.72 12.72 -31.76
N VAL D 22 -14.43 12.84 -31.48
CA VAL D 22 -13.95 12.80 -30.13
C VAL D 22 -13.77 14.23 -29.61
N PRO D 23 -14.61 14.65 -28.65
CA PRO D 23 -14.49 15.98 -28.06
C PRO D 23 -13.14 16.20 -27.41
N ASP D 24 -12.59 17.40 -27.45
CA ASP D 24 -11.30 17.62 -26.81
C ASP D 24 -11.42 17.31 -25.35
N HIS D 25 -10.29 16.97 -24.75
CA HIS D 25 -10.16 16.69 -23.32
C HIS D 25 -10.81 15.39 -22.85
N SER D 26 -11.10 14.49 -23.78
CA SER D 26 -11.65 13.20 -23.42
C SER D 26 -10.57 12.26 -22.91
N ARG D 27 -10.99 11.28 -22.13
CA ARG D 27 -10.06 10.30 -21.63
C ARG D 27 -10.57 8.94 -22.03
N PHE D 28 -9.67 7.97 -22.05
CA PHE D 28 -9.95 6.65 -22.61
C PHE D 28 -9.52 5.53 -21.69
N PHE D 29 -10.37 4.52 -21.54
CA PHE D 29 -10.05 3.41 -20.66
C PHE D 29 -10.30 2.07 -21.32
N VAL D 30 -9.44 1.12 -21.03
CA VAL D 30 -9.66 -0.28 -21.35
C VAL D 30 -10.68 -0.85 -20.38
N ILE D 31 -11.68 -1.56 -20.88
CA ILE D 31 -12.58 -2.32 -20.04
C ILE D 31 -12.40 -3.80 -20.30
N LYS D 32 -12.14 -4.57 -19.26
CA LYS D 32 -12.04 -6.01 -19.38
C LYS D 32 -13.26 -6.66 -18.73
N SER D 33 -13.72 -7.76 -19.30
CA SER D 33 -14.80 -8.57 -18.74
C SER D 33 -14.44 -10.04 -18.73
N SER D 34 -14.81 -10.74 -17.68
CA SER D 34 -14.54 -12.16 -17.60
C SER D 34 -15.57 -12.96 -18.37
N SER D 35 -16.47 -12.27 -19.04
CA SER D 35 -17.66 -12.83 -19.60
C SER D 35 -18.12 -12.08 -20.83
N LEU D 36 -18.28 -12.78 -21.94
CA LEU D 36 -18.88 -12.16 -23.10
C LEU D 36 -20.35 -11.85 -22.82
N GLU D 37 -20.97 -12.64 -21.95
CA GLU D 37 -22.37 -12.44 -21.69
C GLU D 37 -22.66 -11.12 -21.00
N HIS D 38 -21.80 -10.71 -20.08
CA HIS D 38 -22.01 -9.43 -19.40
C HIS D 38 -21.93 -8.29 -20.40
N VAL D 39 -21.06 -8.43 -21.39
CA VAL D 39 -20.86 -7.41 -22.39
C VAL D 39 -22.10 -7.31 -23.29
N LYS D 40 -22.64 -8.46 -23.67
CA LYS D 40 -23.84 -8.49 -24.46
C LYS D 40 -24.95 -7.86 -23.70
N LYS D 41 -25.07 -8.20 -22.43
CA LYS D 41 -26.08 -7.58 -21.61
C LYS D 41 -25.87 -6.08 -21.48
N SER D 42 -24.62 -5.64 -21.49
CA SER D 42 -24.35 -4.22 -21.43
C SER D 42 -24.91 -3.52 -22.65
N PHE D 43 -24.75 -4.12 -23.81
CA PHE D 43 -25.27 -3.52 -25.04
C PHE D 43 -26.78 -3.44 -25.08
N TYR D 44 -27.44 -4.49 -24.66
CA TYR D 44 -28.87 -4.51 -24.74
C TYR D 44 -29.45 -3.63 -23.69
N ASN D 45 -28.74 -3.45 -22.58
CA ASN D 45 -29.31 -2.69 -21.48
C ASN D 45 -28.69 -1.35 -21.24
N GLY D 46 -27.56 -1.09 -21.87
CA GLY D 46 -26.99 0.23 -21.82
C GLY D 46 -26.46 0.68 -20.48
N ILE D 47 -25.97 -0.26 -19.69
CA ILE D 47 -25.25 0.06 -18.47
C ILE D 47 -23.97 -0.75 -18.36
N TRP D 48 -23.07 -0.31 -17.51
CA TRP D 48 -21.89 -1.11 -17.21
C TRP D 48 -21.48 -0.92 -15.77
N SER D 49 -20.70 -1.86 -15.25
CA SER D 49 -20.14 -1.78 -13.91
C SER D 49 -18.76 -2.40 -13.86
N SER D 50 -17.89 -1.83 -13.06
CA SER D 50 -16.55 -2.35 -12.93
C SER D 50 -16.43 -2.88 -11.54
N THR D 51 -15.21 -3.08 -11.06
CA THR D 51 -14.97 -3.47 -9.69
C THR D 51 -15.14 -2.31 -8.72
N PHE D 52 -14.93 -2.57 -7.43
CA PHE D 52 -14.99 -1.56 -6.39
C PHE D 52 -14.09 -0.40 -6.73
N TYR D 53 -12.83 -0.70 -7.00
CA TYR D 53 -11.80 0.28 -7.33
C TYR D 53 -11.90 0.84 -8.73
N GLY D 54 -12.30 -0.02 -9.65
CA GLY D 54 -12.54 0.38 -11.02
C GLY D 54 -13.63 1.41 -11.14
N ASN D 55 -14.71 1.21 -10.42
CA ASN D 55 -15.77 2.19 -10.37
C ASN D 55 -15.31 3.51 -9.78
N LYS D 56 -14.47 3.44 -8.77
CA LYS D 56 -13.93 4.62 -8.13
C LYS D 56 -13.08 5.40 -9.12
N ARG D 57 -12.28 4.69 -9.91
CA ARG D 57 -11.42 5.30 -10.90
C ARG D 57 -12.23 5.92 -12.04
N LEU D 58 -13.17 5.17 -12.59
CA LEU D 58 -14.02 5.65 -13.67
C LEU D 58 -14.93 6.76 -13.22
N SER D 59 -15.45 6.68 -12.01
CA SER D 59 -16.30 7.73 -11.49
C SER D 59 -15.56 9.04 -11.42
N GLU D 60 -14.36 9.00 -10.85
CA GLU D 60 -13.61 10.22 -10.63
C GLU D 60 -13.24 10.90 -11.93
N ALA D 61 -12.82 10.10 -12.90
CA ALA D 61 -12.43 10.62 -14.20
C ALA D 61 -13.64 11.23 -14.88
N TYR D 62 -14.81 10.63 -14.66
CA TYR D 62 -16.01 11.15 -15.27
C TYR D 62 -16.35 12.51 -14.71
N GLU D 63 -16.35 12.64 -13.39
CA GLU D 63 -16.66 13.90 -12.71
C GLU D 63 -15.71 15.02 -13.09
N SER D 64 -14.44 14.71 -13.35
CA SER D 64 -13.45 15.73 -13.66
C SER D 64 -13.48 16.30 -15.07
N LEU D 65 -14.30 15.75 -15.95
CA LEU D 65 -14.31 16.14 -17.35
C LEU D 65 -14.85 17.55 -17.59
N PRO D 66 -14.16 18.34 -18.42
CA PRO D 66 -14.63 19.60 -19.00
C PRO D 66 -15.95 19.38 -19.72
N GLN D 67 -16.71 20.45 -20.00
CA GLN D 67 -18.12 20.27 -20.34
C GLN D 67 -18.40 19.37 -21.54
N GLY D 68 -17.55 19.42 -22.55
CA GLY D 68 -17.85 18.68 -23.75
C GLY D 68 -17.30 17.29 -23.78
N ALA D 69 -16.38 17.00 -22.89
CA ALA D 69 -15.57 15.81 -23.01
C ALA D 69 -16.32 14.57 -22.62
N LYS D 70 -15.83 13.44 -23.11
CA LYS D 70 -16.44 12.17 -22.82
C LYS D 70 -15.40 11.20 -22.25
N ILE D 71 -15.89 10.08 -21.75
CA ILE D 71 -15.00 8.98 -21.42
C ILE D 71 -15.34 7.77 -22.24
N TYR D 72 -14.38 7.32 -23.03
CA TYR D 72 -14.57 6.19 -23.90
C TYR D 72 -14.09 4.92 -23.24
N LEU D 73 -14.85 3.86 -23.42
CA LEU D 73 -14.57 2.55 -22.86
C LEU D 73 -14.30 1.59 -24.00
N LEU D 74 -13.14 0.96 -23.98
CA LEU D 74 -12.79 0.02 -25.00
C LEU D 74 -12.88 -1.41 -24.49
N PHE D 75 -13.89 -2.15 -24.92
CA PHE D 75 -14.19 -3.45 -24.32
C PHE D 75 -13.35 -4.61 -24.88
N SER D 76 -12.96 -5.51 -23.98
CA SER D 76 -12.22 -6.69 -24.35
C SER D 76 -12.51 -7.79 -23.34
N VAL D 77 -12.89 -8.97 -23.83
CA VAL D 77 -13.17 -10.11 -22.99
C VAL D 77 -11.88 -10.79 -22.62
N ASN D 78 -11.75 -11.21 -21.37
CA ASN D 78 -10.55 -11.89 -20.94
C ASN D 78 -10.27 -13.05 -21.87
N ALA D 79 -9.02 -13.17 -22.31
CA ALA D 79 -8.52 -14.28 -23.11
C ALA D 79 -9.16 -14.46 -24.47
N SER D 80 -9.85 -13.44 -24.95
CA SER D 80 -10.51 -13.48 -26.23
C SER D 80 -9.59 -13.16 -27.40
N GLY D 81 -8.42 -12.63 -27.12
CA GLY D 81 -7.51 -12.29 -28.17
C GLY D 81 -7.99 -11.11 -28.98
N ARG D 82 -8.92 -10.34 -28.43
CA ARG D 82 -9.43 -9.21 -29.16
C ARG D 82 -10.12 -8.20 -28.31
N PHE D 83 -10.40 -7.05 -28.91
CA PHE D 83 -11.29 -6.09 -28.33
C PHE D 83 -12.60 -6.18 -29.11
N CYS D 84 -13.71 -5.84 -28.50
CA CYS D 84 -14.98 -6.14 -29.09
C CYS D 84 -15.92 -4.96 -29.16
N GLY D 85 -15.48 -3.78 -28.77
CA GLY D 85 -16.33 -2.62 -28.93
C GLY D 85 -15.97 -1.38 -28.15
N VAL D 86 -16.72 -0.32 -28.40
CA VAL D 86 -16.51 0.96 -27.77
C VAL D 86 -17.83 1.52 -27.24
N ALA D 87 -17.81 2.02 -26.02
CA ALA D 87 -18.98 2.69 -25.49
C ALA D 87 -18.53 3.99 -24.85
N GLU D 88 -19.43 4.94 -24.69
CA GLU D 88 -19.14 6.13 -23.89
C GLU D 88 -19.81 6.00 -22.56
N SER D 90 -22.17 7.66 -19.95
CA SER D 90 -23.22 8.61 -20.14
C SER D 90 -23.87 8.95 -18.83
N SER D 91 -23.33 8.43 -17.74
CA SER D 91 -23.75 8.87 -16.42
C SER D 91 -22.63 8.58 -15.46
N ASN D 92 -22.70 9.16 -14.26
CA ASN D 92 -21.80 8.82 -13.18
C ASN D 92 -22.29 7.53 -12.57
N LEU D 93 -21.60 7.03 -11.56
CA LEU D 93 -22.04 5.82 -10.89
C LEU D 93 -23.39 6.05 -10.20
N ARG D 94 -24.28 5.07 -10.27
CA ARG D 94 -25.61 5.18 -9.67
C ARG D 94 -25.94 3.94 -8.88
N GLU D 95 -27.02 4.05 -8.12
CA GLU D 95 -27.45 3.02 -7.20
C GLU D 95 -28.77 2.38 -7.63
N ASP D 96 -29.45 3.06 -8.53
CA ASP D 96 -30.80 2.70 -8.91
C ASP D 96 -30.94 2.10 -10.31
N LEU D 97 -29.93 1.37 -10.78
CA LEU D 97 -29.99 0.78 -12.11
C LEU D 97 -30.15 -0.73 -12.01
N ASP D 98 -30.56 -1.35 -13.11
CA ASP D 98 -30.91 -2.75 -13.10
C ASP D 98 -29.67 -3.59 -13.19
N THR D 99 -29.02 -3.80 -12.06
CA THR D 99 -27.77 -4.54 -12.01
C THR D 99 -28.02 -6.01 -11.84
N SER D 100 -29.28 -6.39 -11.91
CA SER D 100 -29.66 -7.77 -11.76
C SER D 100 -29.31 -8.58 -13.01
N ILE D 101 -29.03 -7.87 -14.09
CA ILE D 101 -28.73 -8.52 -15.35
C ILE D 101 -27.42 -9.29 -15.30
N TRP D 102 -26.64 -9.11 -14.24
CA TRP D 102 -25.35 -9.80 -14.17
C TRP D 102 -25.29 -10.92 -13.13
N GLY D 103 -26.45 -11.29 -12.59
CA GLY D 103 -26.53 -12.37 -11.62
C GLY D 103 -26.47 -11.96 -10.16
N TYR D 108 -21.42 -6.54 -8.21
CA TYR D 108 -21.75 -5.38 -9.03
C TYR D 108 -23.07 -4.76 -8.55
N ARG D 109 -23.01 -4.03 -7.46
CA ARG D 109 -24.19 -3.46 -6.82
C ARG D 109 -24.49 -2.08 -7.36
N HIS D 110 -23.49 -1.47 -8.01
CA HIS D 110 -23.63 -0.17 -8.67
C HIS D 110 -23.30 -0.25 -10.15
N ALA D 111 -23.71 0.75 -10.90
CA ALA D 111 -23.40 0.82 -12.32
C ALA D 111 -23.52 2.24 -12.81
N PHE D 112 -23.13 2.47 -14.03
CA PHE D 112 -23.33 3.74 -14.68
C PHE D 112 -23.93 3.48 -16.05
N LYS D 113 -24.54 4.49 -16.64
CA LYS D 113 -25.16 4.37 -17.96
C LYS D 113 -24.07 4.47 -19.03
N VAL D 114 -24.20 3.69 -20.09
CA VAL D 114 -23.27 3.73 -21.22
C VAL D 114 -24.01 3.77 -22.55
N ARG D 115 -23.41 4.42 -23.53
CA ARG D 115 -23.90 4.42 -24.91
C ARG D 115 -22.92 3.69 -25.79
N TRP D 116 -23.32 2.54 -26.30
CA TRP D 116 -22.44 1.81 -27.19
C TRP D 116 -22.32 2.48 -28.55
N ILE D 117 -21.11 2.55 -29.05
CA ILE D 117 -20.85 3.23 -30.30
C ILE D 117 -20.43 2.27 -31.37
N VAL D 118 -19.52 1.39 -30.99
CA VAL D 118 -18.90 0.45 -31.90
C VAL D 118 -19.06 -0.93 -31.34
N VAL D 119 -19.56 -1.86 -32.14
CA VAL D 119 -19.58 -3.25 -31.78
C VAL D 119 -18.96 -4.00 -32.93
N ARG D 120 -17.74 -4.46 -32.73
CA ARG D 120 -16.98 -5.09 -33.80
C ARG D 120 -15.71 -5.68 -33.23
N ASP D 121 -15.31 -6.84 -33.71
CA ASP D 121 -14.07 -7.43 -33.24
C ASP D 121 -12.87 -6.76 -33.84
N VAL D 122 -11.86 -6.54 -33.01
CA VAL D 122 -10.57 -6.11 -33.48
C VAL D 122 -9.54 -6.95 -32.78
N HIS D 123 -8.72 -7.66 -33.54
CA HIS D 123 -7.79 -8.62 -32.99
C HIS D 123 -6.54 -8.02 -32.39
N ASN D 124 -6.02 -8.66 -31.37
CA ASN D 124 -4.82 -8.21 -30.70
C ASN D 124 -3.64 -8.05 -31.66
N ARG D 125 -3.54 -8.95 -32.62
CA ARG D 125 -2.63 -8.80 -33.74
C ARG D 125 -2.49 -7.34 -34.22
N SER D 126 -3.60 -6.65 -34.40
CA SER D 126 -3.63 -5.30 -34.95
C SER D 126 -3.51 -4.16 -33.95
N LEU D 127 -3.41 -4.48 -32.66
CA LEU D 127 -3.36 -3.44 -31.67
C LEU D 127 -2.12 -3.54 -30.79
N LYS D 128 -1.36 -4.62 -30.87
CA LYS D 128 -0.28 -4.83 -29.92
C LYS D 128 0.92 -3.92 -30.15
N GLN D 129 0.82 -3.10 -31.19
CA GLN D 129 1.83 -2.11 -31.51
C GLN D 129 1.75 -0.89 -30.59
N PHE D 130 0.56 -0.63 -30.06
CA PHE D 130 0.37 0.56 -29.26
C PHE D 130 0.82 0.32 -27.83
N LEU D 131 2.00 0.82 -27.51
CA LEU D 131 2.61 0.64 -26.21
C LEU D 131 2.16 1.75 -25.29
N ILE D 132 1.81 1.43 -24.04
CA ILE D 132 1.27 2.44 -23.13
C ILE D 132 2.38 2.94 -22.22
N PRO D 133 2.79 4.21 -22.38
CA PRO D 133 3.91 4.74 -21.61
C PRO D 133 3.74 4.64 -20.10
N ALA D 134 2.52 4.81 -19.61
CA ALA D 134 2.31 4.82 -18.18
C ALA D 134 2.10 3.43 -17.59
N ASN D 135 2.17 2.40 -18.42
CA ASN D 135 2.10 1.02 -17.94
C ASN D 135 3.37 0.29 -18.31
N ASP D 136 4.49 0.94 -18.12
CA ASP D 136 5.81 0.33 -18.31
C ASP D 136 6.00 -0.19 -19.73
N LYS D 138 4.06 -1.57 -21.85
CA LYS D 138 3.31 -2.75 -22.26
C LYS D 138 2.33 -2.35 -23.33
N PRO D 139 2.00 -3.29 -24.22
CA PRO D 139 1.01 -3.11 -25.28
C PRO D 139 -0.39 -2.86 -24.71
N VAL D 140 -1.22 -2.11 -25.41
CA VAL D 140 -2.58 -1.85 -24.97
C VAL D 140 -3.36 -3.16 -24.84
N THR D 141 -2.95 -4.17 -25.58
CA THR D 141 -3.65 -5.45 -25.58
C THR D 141 -3.38 -6.24 -24.33
N ASN D 142 -2.48 -5.76 -23.50
CA ASN D 142 -2.17 -6.40 -22.24
C ASN D 142 -2.43 -5.43 -21.10
N SER D 143 -3.64 -4.92 -21.03
CA SER D 143 -4.00 -3.96 -20.02
C SER D 143 -4.99 -4.58 -19.09
N ARG D 144 -5.01 -4.11 -17.85
CA ARG D 144 -6.02 -4.52 -16.90
C ARG D 144 -7.25 -3.64 -16.99
N ASP D 145 -8.33 -4.10 -16.38
CA ASP D 145 -9.58 -3.37 -16.32
C ASP D 145 -9.38 -1.98 -15.74
N THR D 146 -9.86 -0.99 -16.50
CA THR D 146 -9.75 0.44 -16.21
C THR D 146 -8.34 0.99 -16.30
N GLN D 147 -7.50 0.39 -17.13
CA GLN D 147 -6.25 0.98 -17.57
C GLN D 147 -6.52 2.17 -18.49
N GLU D 148 -5.96 3.33 -18.20
CA GLU D 148 -6.15 4.50 -19.05
C GLU D 148 -5.15 4.52 -20.18
N ILE D 149 -5.60 4.98 -21.35
CA ILE D 149 -4.80 5.05 -22.55
C ILE D 149 -4.63 6.50 -22.92
N PRO D 150 -3.44 6.90 -23.34
CA PRO D 150 -3.27 8.30 -23.75
C PRO D 150 -4.15 8.65 -24.94
N ALA D 151 -4.48 9.92 -25.09
CA ALA D 151 -5.44 10.37 -26.09
C ALA D 151 -5.03 10.03 -27.52
N THR D 152 -3.78 10.25 -27.85
CA THR D 152 -3.34 10.05 -29.20
C THR D 152 -3.41 8.58 -29.63
N ILE D 153 -2.87 7.70 -28.80
CA ILE D 153 -2.93 6.26 -29.07
C ILE D 153 -4.36 5.81 -29.22
N SER D 154 -5.24 6.33 -28.37
CA SER D 154 -6.64 5.97 -28.43
C SER D 154 -7.31 6.31 -29.74
N LYS D 155 -7.06 7.51 -30.27
CA LYS D 155 -7.65 7.92 -31.53
C LYS D 155 -7.21 7.03 -32.67
N SER D 156 -5.96 6.57 -32.64
CA SER D 156 -5.51 5.62 -33.64
C SER D 156 -6.27 4.31 -33.53
N ILE D 157 -6.49 3.86 -32.31
CA ILE D 157 -7.24 2.65 -32.07
C ILE D 157 -8.67 2.87 -32.54
N LEU D 158 -9.25 4.03 -32.27
CA LEU D 158 -10.61 4.26 -32.70
C LEU D 158 -10.76 4.27 -34.22
N LYS D 159 -9.78 4.79 -34.93
CA LYS D 159 -9.81 4.71 -36.38
C LYS D 159 -9.78 3.26 -36.85
N LEU D 160 -8.96 2.43 -36.22
CA LEU D 160 -8.94 1.01 -36.58
C LEU D 160 -10.28 0.34 -36.37
N PHE D 161 -11.04 0.81 -35.39
CA PHE D 161 -12.37 0.27 -35.14
C PHE D 161 -13.36 0.63 -36.23
N LYS D 162 -13.09 1.69 -37.00
CA LYS D 162 -13.98 2.11 -38.06
C LYS D 162 -13.47 1.72 -39.41
N TYR D 163 -12.61 0.73 -39.50
CA TYR D 163 -11.94 0.51 -40.77
C TYR D 163 -12.35 -0.80 -41.35
N GLU D 164 -13.07 -0.72 -42.44
CA GLU D 164 -13.43 -1.90 -43.19
C GLU D 164 -12.58 -1.96 -44.43
N GLN D 165 -11.62 -2.86 -44.46
CA GLN D 165 -10.82 -3.04 -45.66
C GLN D 165 -11.74 -3.51 -46.74
N SER D 166 -11.46 -3.13 -47.98
CA SER D 166 -12.31 -3.53 -49.08
C SER D 166 -11.84 -4.87 -49.58
N GLU D 167 -12.71 -5.58 -50.29
CA GLU D 167 -12.38 -6.91 -50.75
C GLU D 167 -11.09 -6.90 -51.52
N VAL D 168 -10.33 -7.96 -51.40
CA VAL D 168 -9.08 -8.12 -52.13
C VAL D 168 -9.26 -8.18 -53.66
N GLN D 169 -8.74 -7.18 -54.38
CA GLN D 169 -8.73 -7.21 -55.85
C GLN D 169 -7.33 -7.16 -56.41
N SER D 170 -7.20 -7.30 -57.70
CA SER D 170 -5.90 -7.35 -58.33
C SER D 170 -6.06 -7.20 -59.83
N PHE D 171 -4.98 -6.91 -60.54
CA PHE D 171 -5.15 -6.80 -61.97
C PHE D 171 -5.15 -8.18 -62.61
N LEU D 172 -4.99 -9.22 -61.80
CA LEU D 172 -5.05 -10.57 -62.33
C LEU D 172 -6.43 -11.22 -62.16
N ASP D 173 -7.45 -10.42 -61.91
CA ASP D 173 -8.80 -10.95 -61.70
C ASP D 173 -9.55 -10.99 -63.01
N GLY E 13 -22.53 -7.36 40.49
CA GLY E 13 -22.79 -7.79 39.12
C GLY E 13 -21.58 -8.29 38.32
N ALA E 14 -20.39 -7.82 38.69
CA ALA E 14 -19.15 -8.16 38.00
C ALA E 14 -18.74 -9.60 38.17
N ILE E 15 -18.01 -10.10 37.17
CA ILE E 15 -17.46 -11.46 37.20
C ILE E 15 -15.97 -11.41 37.32
N ILE E 16 -15.44 -11.86 38.45
CA ILE E 16 -14.00 -11.86 38.65
C ILE E 16 -13.54 -13.24 39.11
N PRO E 17 -12.90 -14.00 38.22
CA PRO E 17 -12.48 -15.36 38.54
C PRO E 17 -11.43 -15.38 39.62
N PRO E 18 -11.38 -16.46 40.40
CA PRO E 18 -10.35 -16.61 41.42
C PRO E 18 -8.94 -16.60 40.82
N TRP E 19 -8.78 -17.30 39.71
CA TRP E 19 -7.50 -17.37 39.02
C TRP E 19 -7.66 -17.29 37.50
N ILE E 20 -6.60 -16.86 36.84
CA ILE E 20 -6.48 -17.01 35.39
C ILE E 20 -5.16 -17.69 35.03
N HIS E 21 -5.24 -18.92 34.53
CA HIS E 21 -4.00 -19.54 34.12
C HIS E 21 -3.84 -19.29 32.63
N VAL E 22 -2.79 -18.58 32.30
CA VAL E 22 -2.49 -18.21 30.94
C VAL E 22 -1.51 -19.21 30.37
N PRO E 23 -1.98 -20.02 29.43
CA PRO E 23 -1.09 -21.00 28.80
C PRO E 23 0.07 -20.31 28.08
N ASP E 24 1.23 -20.94 28.05
CA ASP E 24 2.36 -20.35 27.34
C ASP E 24 2.02 -20.12 25.87
N HIS E 25 2.71 -19.16 25.28
CA HIS E 25 2.59 -18.85 23.86
C HIS E 25 1.26 -18.21 23.49
N SER E 26 0.52 -17.72 24.48
CA SER E 26 -0.72 -17.05 24.17
C SER E 26 -0.46 -15.64 23.65
N ARG E 27 -1.40 -15.11 22.88
CA ARG E 27 -1.28 -13.78 22.34
C ARG E 27 -2.46 -12.97 22.79
N PHE E 28 -2.31 -11.67 22.81
CA PHE E 28 -3.29 -10.81 23.46
C PHE E 28 -3.61 -9.64 22.56
N PHE E 29 -4.88 -9.29 22.44
CA PHE E 29 -5.26 -8.22 21.54
C PHE E 29 -6.24 -7.28 22.17
N VAL E 30 -6.09 -6.00 21.90
CA VAL E 30 -7.13 -5.05 22.24
C VAL E 30 -8.30 -5.19 21.30
N ILE E 31 -9.51 -5.26 21.84
CA ILE E 31 -10.71 -5.15 21.05
C ILE E 31 -11.43 -3.83 21.37
N LYS E 32 -11.72 -3.07 20.34
CA LYS E 32 -12.48 -1.85 20.50
C LYS E 32 -13.87 -2.02 19.93
N SER E 33 -14.84 -1.40 20.59
CA SER E 33 -16.20 -1.39 20.11
C SER E 33 -16.78 0.00 20.13
N SER E 34 -17.54 0.37 19.12
CA SER E 34 -18.15 1.69 19.13
C SER E 34 -19.43 1.72 19.95
N SER E 35 -19.74 0.62 20.62
CA SER E 35 -21.04 0.45 21.24
C SER E 35 -20.94 -0.43 22.44
N LEU E 36 -21.44 0.02 23.58
CA LEU E 36 -21.46 -0.83 24.77
C LEU E 36 -22.40 -2.00 24.60
N GLU E 37 -23.48 -1.80 23.87
CA GLU E 37 -24.48 -2.84 23.70
C GLU E 37 -23.96 -4.03 22.90
N HIS E 38 -23.12 -3.79 21.90
CA HIS E 38 -22.57 -4.89 21.14
C HIS E 38 -21.74 -5.75 22.05
N VAL E 39 -21.06 -5.13 23.00
CA VAL E 39 -20.21 -5.85 23.93
C VAL E 39 -21.05 -6.65 24.90
N LYS E 40 -22.17 -6.08 25.33
CA LYS E 40 -23.11 -6.80 26.19
C LYS E 40 -23.70 -8.01 25.50
N LYS E 41 -24.17 -7.81 24.28
CA LYS E 41 -24.73 -8.89 23.49
C LYS E 41 -23.70 -9.93 23.19
N SER E 42 -22.44 -9.53 23.07
CA SER E 42 -21.40 -10.51 22.92
C SER E 42 -21.35 -11.39 24.15
N PHE E 43 -21.54 -10.79 25.33
CA PHE E 43 -21.46 -11.56 26.57
C PHE E 43 -22.60 -12.57 26.69
N TYR E 44 -23.80 -12.17 26.29
CA TYR E 44 -24.95 -13.05 26.41
C TYR E 44 -25.00 -14.15 25.36
N ASN E 45 -24.38 -13.92 24.22
CA ASN E 45 -24.47 -14.83 23.10
C ASN E 45 -23.17 -15.58 22.75
N GLY E 46 -22.06 -15.18 23.34
CA GLY E 46 -20.80 -15.90 23.19
C GLY E 46 -20.11 -15.88 21.84
N ILE E 47 -20.33 -14.82 21.08
CA ILE E 47 -19.60 -14.62 19.86
C ILE E 47 -19.11 -13.18 19.80
N TRP E 48 -18.14 -12.93 18.91
CA TRP E 48 -17.70 -11.56 18.61
C TRP E 48 -17.26 -11.42 17.15
N SER E 49 -17.30 -10.18 16.66
CA SER E 49 -16.87 -9.91 15.31
C SER E 49 -16.16 -8.57 15.21
N SER E 50 -15.14 -8.55 14.36
CA SER E 50 -14.33 -7.36 14.15
C SER E 50 -14.58 -6.82 12.76
N THR E 51 -13.68 -6.02 12.25
CA THR E 51 -13.79 -5.57 10.87
C THR E 51 -13.33 -6.65 9.88
N PHE E 52 -13.40 -6.33 8.61
CA PHE E 52 -12.87 -7.18 7.55
C PHE E 52 -11.42 -7.49 7.87
N TYR E 53 -10.60 -6.47 8.09
CA TYR E 53 -9.19 -6.68 8.36
C TYR E 53 -8.94 -7.16 9.77
N GLY E 54 -9.75 -6.70 10.71
CA GLY E 54 -9.65 -7.18 12.07
C GLY E 54 -9.88 -8.66 12.27
N ASN E 55 -10.91 -9.17 11.61
CA ASN E 55 -11.19 -10.59 11.60
C ASN E 55 -10.04 -11.36 10.99
N LYS E 56 -9.47 -10.82 9.92
CA LYS E 56 -8.38 -11.51 9.23
C LYS E 56 -7.16 -11.64 10.13
N ARG E 57 -6.90 -10.61 10.92
CA ARG E 57 -5.79 -10.60 11.82
C ARG E 57 -5.95 -11.60 12.97
N LEU E 58 -7.12 -11.61 13.58
CA LEU E 58 -7.44 -12.52 14.67
C LEU E 58 -7.52 -13.95 14.16
N SER E 59 -8.08 -14.13 12.96
CA SER E 59 -8.16 -15.46 12.39
C SER E 59 -6.76 -16.04 12.22
N GLU E 60 -5.85 -15.25 11.66
CA GLU E 60 -4.48 -15.70 11.47
C GLU E 60 -3.74 -16.03 12.74
N ALA E 61 -3.89 -15.20 13.76
CA ALA E 61 -3.21 -15.43 15.03
C ALA E 61 -3.74 -16.64 15.75
N TYR E 62 -5.03 -16.86 15.62
CA TYR E 62 -5.70 -17.98 16.24
C TYR E 62 -5.22 -19.26 15.61
N GLU E 63 -5.19 -19.31 14.28
CA GLU E 63 -4.68 -20.48 13.59
C GLU E 63 -3.23 -20.82 13.88
N SER E 64 -2.37 -19.84 14.05
CA SER E 64 -0.94 -20.11 14.23
C SER E 64 -0.54 -20.61 15.61
N LEU E 65 -1.46 -20.58 16.56
CA LEU E 65 -1.13 -20.89 17.94
C LEU E 65 -0.78 -22.36 18.16
N PRO E 66 0.29 -22.60 18.92
CA PRO E 66 0.62 -23.92 19.47
C PRO E 66 -0.54 -24.45 20.27
N GLN E 67 -0.58 -25.76 20.51
CA GLN E 67 -1.84 -26.39 20.91
C GLN E 67 -2.52 -25.87 22.18
N GLY E 68 -1.78 -25.64 23.25
CA GLY E 68 -2.41 -25.21 24.49
C GLY E 68 -2.83 -23.76 24.58
N ALA E 69 -2.30 -22.95 23.67
CA ALA E 69 -2.34 -21.51 23.77
C ALA E 69 -3.69 -20.89 23.46
N LYS E 70 -3.91 -19.68 23.96
CA LYS E 70 -5.17 -19.00 23.78
C LYS E 70 -4.96 -17.63 23.15
N ILE E 71 -6.02 -16.99 22.72
CA ILE E 71 -5.93 -15.61 22.32
C ILE E 71 -6.84 -14.78 23.17
N TYR E 72 -6.27 -13.84 23.92
CA TYR E 72 -7.08 -13.05 24.81
C TYR E 72 -7.46 -11.76 24.18
N LEU E 73 -8.69 -11.35 24.40
CA LEU E 73 -9.20 -10.09 23.89
C LEU E 73 -9.53 -9.17 25.04
N LEU E 74 -8.96 -7.97 25.03
CA LEU E 74 -9.23 -6.97 26.06
C LEU E 74 -10.16 -5.92 25.51
N PHE E 75 -11.40 -5.95 25.97
CA PHE E 75 -12.43 -5.10 25.38
C PHE E 75 -12.43 -3.71 25.96
N SER E 76 -12.68 -2.73 25.10
CA SER E 76 -12.78 -1.36 25.52
C SER E 76 -13.74 -0.63 24.60
N VAL E 77 -14.71 0.05 25.17
CA VAL E 77 -15.64 0.77 24.37
C VAL E 77 -15.05 2.12 23.98
N ASN E 78 -15.25 2.54 22.75
CA ASN E 78 -14.76 3.84 22.31
C ASN E 78 -15.18 4.98 23.22
N ALA E 79 -14.23 5.82 23.57
CA ALA E 79 -14.45 7.01 24.40
C ALA E 79 -15.00 6.67 25.77
N SER E 80 -14.91 5.42 26.18
CA SER E 80 -15.43 5.05 27.49
C SER E 80 -14.47 5.36 28.63
N GLY E 81 -13.21 5.62 28.33
CA GLY E 81 -12.22 5.87 29.35
C GLY E 81 -11.82 4.67 30.16
N ARG E 82 -12.13 3.48 29.65
CA ARG E 82 -11.82 2.26 30.38
C ARG E 82 -11.82 1.05 29.49
N PHE E 83 -11.34 -0.05 30.05
CA PHE E 83 -11.50 -1.38 29.50
C PHE E 83 -12.56 -2.07 30.32
N CYS E 84 -13.29 -3.02 29.75
CA CYS E 84 -14.47 -3.54 30.44
C CYS E 84 -14.53 -5.04 30.60
N GLY E 85 -13.53 -5.76 30.13
CA GLY E 85 -13.52 -7.19 30.33
C GLY E 85 -12.58 -7.96 29.45
N VAL E 86 -12.50 -9.25 29.68
CA VAL E 86 -11.59 -10.12 28.97
C VAL E 86 -12.31 -11.33 28.44
N ALA E 87 -12.03 -11.70 27.19
CA ALA E 87 -12.58 -12.91 26.61
C ALA E 87 -11.50 -13.74 25.96
N GLU E 88 -11.75 -15.04 25.81
CA GLU E 88 -10.89 -15.87 24.97
C GLU E 88 -11.64 -16.16 23.73
N SER E 90 -12.68 -18.91 21.10
CA SER E 90 -12.83 -20.33 21.28
C SER E 90 -13.20 -21.00 19.97
N SER E 91 -13.15 -20.23 18.88
CA SER E 91 -13.31 -20.75 17.52
C SER E 91 -12.60 -19.85 16.52
N ASN E 92 -12.35 -20.36 15.33
CA ASN E 92 -11.88 -19.53 14.22
C ASN E 92 -13.05 -18.83 13.58
N LEU E 93 -12.83 -18.06 12.55
CA LEU E 93 -13.93 -17.31 11.96
C LEU E 93 -14.96 -18.29 11.40
N ARG E 94 -16.24 -17.98 11.58
CA ARG E 94 -17.31 -18.85 11.15
C ARG E 94 -18.33 -18.08 10.38
N GLU E 95 -19.21 -18.81 9.75
CA GLU E 95 -20.21 -18.27 8.87
C GLU E 95 -21.62 -18.52 9.38
N ASP E 96 -21.71 -19.40 10.36
CA ASP E 96 -22.98 -19.90 10.89
C ASP E 96 -23.40 -19.40 12.28
N LEU E 97 -23.00 -18.21 12.71
CA LEU E 97 -23.35 -17.76 14.05
C LEU E 97 -24.35 -16.64 13.93
N ASP E 98 -25.06 -16.34 15.00
CA ASP E 98 -26.15 -15.37 14.91
C ASP E 98 -25.62 -13.97 14.98
N THR E 99 -25.18 -13.45 13.86
CA THR E 99 -24.58 -12.14 13.87
C THR E 99 -25.65 -11.08 13.71
N SER E 100 -26.90 -11.51 13.78
CA SER E 100 -28.04 -10.61 13.68
C SER E 100 -28.21 -9.78 14.96
N ILE E 101 -27.53 -10.18 16.03
CA ILE E 101 -27.57 -9.46 17.28
C ILE E 101 -26.92 -8.07 17.21
N TRP E 102 -26.26 -7.74 16.11
CA TRP E 102 -25.61 -6.44 16.00
C TRP E 102 -26.22 -5.49 14.98
N GLY E 103 -27.39 -5.82 14.42
CA GLY E 103 -28.04 -4.95 13.47
C GLY E 103 -27.69 -5.23 12.00
N TYR E 108 -21.11 -7.03 9.80
CA TYR E 108 -20.58 -8.20 10.50
C TYR E 108 -21.26 -9.50 10.06
N ARG E 109 -20.85 -10.05 8.91
CA ARG E 109 -21.49 -11.26 8.39
C ARG E 109 -20.83 -12.52 8.92
N HIS E 110 -19.65 -12.37 9.53
CA HIS E 110 -18.93 -13.47 10.15
C HIS E 110 -18.63 -13.24 11.64
N ALA E 111 -18.28 -14.29 12.36
CA ALA E 111 -17.91 -14.14 13.75
C ALA E 111 -17.11 -15.31 14.22
N PHE E 112 -16.60 -15.22 15.43
CA PHE E 112 -15.96 -16.36 16.05
C PHE E 112 -16.55 -16.53 17.43
N LYS E 113 -16.41 -17.72 18.00
CA LYS E 113 -16.93 -17.98 19.33
C LYS E 113 -15.99 -17.37 20.35
N VAL E 114 -16.55 -16.83 21.43
CA VAL E 114 -15.75 -16.32 22.54
C VAL E 114 -16.25 -16.84 23.88
N ARG E 115 -15.33 -17.03 24.82
CA ARG E 115 -15.65 -17.38 26.20
C ARG E 115 -15.25 -16.22 27.08
N TRP E 116 -16.22 -15.53 27.66
CA TRP E 116 -15.85 -14.45 28.54
C TRP E 116 -15.27 -14.97 29.85
N ILE E 117 -14.20 -14.34 30.32
CA ILE E 117 -13.46 -14.73 31.51
C ILE E 117 -13.66 -13.71 32.62
N VAL E 118 -13.52 -12.45 32.24
CA VAL E 118 -13.60 -11.34 33.17
C VAL E 118 -14.57 -10.32 32.65
N VAL E 119 -15.52 -9.88 33.48
CA VAL E 119 -16.33 -8.73 33.13
C VAL E 119 -16.29 -7.71 34.25
N ARG E 120 -15.57 -6.62 34.01
CA ARG E 120 -15.26 -5.64 35.05
C ARG E 120 -14.60 -4.40 34.47
N ASP E 121 -14.96 -3.21 34.95
CA ASP E 121 -14.30 -2.01 34.51
C ASP E 121 -12.93 -1.85 35.15
N VAL E 122 -11.99 -1.40 34.33
CA VAL E 122 -10.66 -0.95 34.74
C VAL E 122 -10.39 0.34 34.01
N HIS E 123 -10.14 1.41 34.75
CA HIS E 123 -10.03 2.74 34.14
C HIS E 123 -8.70 2.96 33.48
N ASN E 124 -8.73 3.75 32.41
CA ASN E 124 -7.53 4.05 31.63
C ASN E 124 -6.41 4.58 32.50
N ARG E 125 -6.75 5.40 33.46
CA ARG E 125 -5.86 5.81 34.55
C ARG E 125 -4.90 4.74 35.00
N SER E 126 -5.42 3.54 35.13
CA SER E 126 -4.67 2.47 35.72
C SER E 126 -3.84 1.75 34.70
N LEU E 127 -4.03 2.11 33.43
CA LEU E 127 -3.41 1.36 32.36
C LEU E 127 -2.49 2.18 31.48
N LYS E 128 -2.52 3.50 31.61
CA LYS E 128 -1.80 4.35 30.68
C LYS E 128 -0.32 4.30 30.91
N GLN E 129 0.08 3.60 31.94
CA GLN E 129 1.47 3.38 32.23
C GLN E 129 2.11 2.37 31.31
N PHE E 130 1.30 1.46 30.78
CA PHE E 130 1.79 0.38 29.94
C PHE E 130 1.98 0.85 28.53
N LEU E 131 3.22 1.09 28.16
CA LEU E 131 3.53 1.59 26.85
C LEU E 131 3.80 0.40 25.98
N ILE E 132 3.31 0.45 24.74
CA ILE E 132 3.43 -0.66 23.82
C ILE E 132 4.58 -0.42 22.89
N PRO E 133 5.63 -1.19 23.03
CA PRO E 133 6.78 -0.89 22.18
C PRO E 133 6.51 -0.98 20.69
N ALA E 134 5.70 -1.91 20.21
CA ALA E 134 5.51 -2.04 18.77
C ALA E 134 4.45 -1.08 18.24
N ASN E 135 3.92 -0.24 19.11
CA ASN E 135 3.02 0.81 18.68
C ASN E 135 3.60 2.19 19.00
N ASP E 136 4.88 2.36 18.70
CA ASP E 136 5.55 3.65 18.82
C ASP E 136 5.49 4.21 20.24
N LYS E 138 3.28 4.22 22.39
CA LYS E 138 1.99 4.75 22.84
C LYS E 138 1.41 3.89 23.93
N PRO E 139 0.61 4.48 24.81
CA PRO E 139 -0.05 3.72 25.87
C PRO E 139 -1.05 2.70 25.35
N VAL E 140 -1.20 1.59 26.05
CA VAL E 140 -2.19 0.59 25.69
C VAL E 140 -3.56 1.21 25.64
N THR E 141 -3.76 2.28 26.37
CA THR E 141 -5.06 2.91 26.41
C THR E 141 -5.31 3.67 25.13
N ASN E 142 -4.32 3.74 24.27
CA ASN E 142 -4.50 4.43 23.01
C ASN E 142 -4.22 3.47 21.89
N SER E 143 -4.94 2.39 21.88
CA SER E 143 -4.75 1.39 20.87
C SER E 143 -5.95 1.28 19.94
N ARG E 144 -5.70 0.85 18.73
CA ARG E 144 -6.79 0.53 17.82
C ARG E 144 -7.31 -0.89 18.02
N ASP E 145 -8.45 -1.15 17.43
CA ASP E 145 -9.03 -2.46 17.45
C ASP E 145 -8.07 -3.52 16.84
N THR E 146 -7.85 -4.59 17.57
CA THR E 146 -6.94 -5.68 17.20
C THR E 146 -5.49 -5.25 17.21
N GLN E 147 -5.17 -4.26 18.06
CA GLN E 147 -3.79 -3.92 18.42
C GLN E 147 -3.20 -5.00 19.31
N GLU E 148 -2.08 -5.56 18.93
CA GLU E 148 -1.53 -6.63 19.75
C GLU E 148 -0.67 -6.11 20.89
N ILE E 149 -0.77 -6.78 22.03
CA ILE E 149 -0.04 -6.43 23.23
C ILE E 149 0.93 -7.56 23.58
N PRO E 150 2.16 -7.21 23.95
CA PRO E 150 3.17 -8.20 24.36
C PRO E 150 2.77 -8.96 25.61
N ALA E 151 3.35 -10.14 25.82
CA ALA E 151 2.91 -11.02 26.90
C ALA E 151 3.10 -10.53 28.35
N THR E 152 4.29 -10.07 28.73
CA THR E 152 4.51 -9.71 30.12
C THR E 152 3.66 -8.53 30.50
N ILE E 153 3.64 -7.53 29.65
CA ILE E 153 2.76 -6.42 29.89
C ILE E 153 1.28 -6.89 29.98
N SER E 154 0.87 -7.85 29.16
CA SER E 154 -0.50 -8.35 29.22
C SER E 154 -0.80 -8.99 30.57
N LYS E 155 0.13 -9.79 31.05
CA LYS E 155 0.00 -10.48 32.31
C LYS E 155 -0.13 -9.47 33.42
N SER E 156 0.60 -8.38 33.31
CA SER E 156 0.48 -7.28 34.25
C SER E 156 -0.89 -6.63 34.18
N ILE E 157 -1.40 -6.41 32.97
CA ILE E 157 -2.73 -5.85 32.82
C ILE E 157 -3.80 -6.78 33.36
N LEU E 158 -3.64 -8.07 33.13
CA LEU E 158 -4.63 -8.99 33.63
C LEU E 158 -4.73 -8.96 35.14
N LYS E 159 -3.63 -8.72 35.84
CA LYS E 159 -3.66 -8.58 37.30
C LYS E 159 -4.64 -7.51 37.74
N LEU E 160 -4.66 -6.39 37.04
CA LEU E 160 -5.60 -5.33 37.36
C LEU E 160 -7.04 -5.78 37.23
N PHE E 161 -7.28 -6.73 36.34
CA PHE E 161 -8.63 -7.26 36.17
C PHE E 161 -8.99 -8.20 37.32
N LYS E 162 -7.96 -8.68 38.01
CA LYS E 162 -8.06 -9.74 39.02
C LYS E 162 -8.10 -9.34 40.51
N TYR E 163 -8.95 -8.39 40.87
CA TYR E 163 -9.03 -7.91 42.25
C TYR E 163 -10.35 -8.30 42.90
N VAL E 168 -15.88 -0.96 42.64
CA VAL E 168 -15.86 -2.06 41.69
C VAL E 168 -17.10 -2.05 40.82
N GLN E 169 -16.94 -1.74 39.55
CA GLN E 169 -18.05 -1.72 38.60
C GLN E 169 -17.84 -2.63 37.39
N SER E 170 -18.87 -2.77 36.56
CA SER E 170 -18.87 -3.65 35.39
C SER E 170 -20.08 -3.32 34.55
N PHE E 171 -20.11 -3.75 33.29
CA PHE E 171 -21.26 -3.40 32.45
C PHE E 171 -22.46 -4.29 32.73
N LEU E 172 -22.30 -5.24 33.65
CA LEU E 172 -23.41 -6.10 34.01
C LEU E 172 -24.12 -5.61 35.27
N ASP E 173 -23.87 -4.36 35.63
CA ASP E 173 -24.48 -3.81 36.83
C ASP E 173 -25.76 -3.07 36.48
N GLY F 13 32.69 26.21 -18.59
CA GLY F 13 32.01 25.00 -19.00
C GLY F 13 30.49 25.05 -18.86
N ALA F 14 30.02 25.89 -17.94
CA ALA F 14 28.59 25.99 -17.63
C ALA F 14 27.80 26.61 -18.77
N ILE F 15 26.54 26.23 -18.86
CA ILE F 15 25.58 26.78 -19.81
C ILE F 15 24.49 27.53 -19.07
N ILE F 16 24.38 28.84 -19.30
CA ILE F 16 23.39 29.66 -18.61
C ILE F 16 22.55 30.51 -19.55
N PRO F 17 21.28 30.13 -19.72
CA PRO F 17 20.38 30.84 -20.62
C PRO F 17 20.10 32.24 -20.15
N PRO F 18 19.87 33.15 -21.10
CA PRO F 18 19.45 34.51 -20.85
C PRO F 18 18.08 34.56 -20.23
N TRP F 19 17.16 33.76 -20.75
CA TRP F 19 15.79 33.77 -20.25
C TRP F 19 15.28 32.37 -20.05
N ILE F 20 14.29 32.22 -19.20
CA ILE F 20 13.50 31.00 -19.17
C ILE F 20 12.03 31.36 -19.17
N HIS F 21 11.33 31.12 -20.27
CA HIS F 21 9.88 31.38 -20.27
C HIS F 21 9.12 30.12 -19.98
N VAL F 22 8.40 30.17 -18.88
CA VAL F 22 7.61 29.06 -18.41
C VAL F 22 6.18 29.24 -18.86
N PRO F 23 5.72 28.39 -19.79
CA PRO F 23 4.35 28.41 -20.29
C PRO F 23 3.43 28.08 -19.15
N ASP F 24 2.22 28.64 -19.13
CA ASP F 24 1.28 28.35 -18.05
C ASP F 24 1.04 26.86 -17.94
N HIS F 25 0.63 26.43 -16.76
CA HIS F 25 0.23 25.06 -16.48
C HIS F 25 1.40 24.09 -16.49
N SER F 26 2.60 24.63 -16.41
CA SER F 26 3.79 23.80 -16.37
C SER F 26 3.93 23.17 -15.00
N ARG F 27 4.62 22.05 -14.94
CA ARG F 27 4.85 21.38 -13.66
C ARG F 27 6.33 21.12 -13.44
N PHE F 28 6.73 20.94 -12.19
CA PHE F 28 8.14 20.94 -11.85
C PHE F 28 8.48 19.80 -10.92
N PHE F 29 9.58 19.10 -11.21
CA PHE F 29 9.98 17.95 -10.41
C PHE F 29 11.46 17.97 -10.07
N VAL F 30 11.79 17.55 -8.87
CA VAL F 30 13.15 17.28 -8.51
C VAL F 30 13.55 15.97 -9.10
N ILE F 31 14.70 15.93 -9.75
CA ILE F 31 15.29 14.68 -10.21
C ILE F 31 16.57 14.42 -9.42
N LYS F 32 16.70 13.25 -8.82
CA LYS F 32 17.90 12.87 -8.11
C LYS F 32 18.70 11.84 -8.87
N SER F 33 20.02 11.93 -8.82
CA SER F 33 20.85 10.89 -9.42
C SER F 33 21.92 10.44 -8.47
N SER F 34 22.16 9.15 -8.42
CA SER F 34 23.16 8.61 -7.52
C SER F 34 24.56 8.68 -8.10
N SER F 35 24.67 9.28 -9.27
CA SER F 35 25.90 9.19 -10.02
C SER F 35 25.98 10.43 -10.86
N LEU F 36 27.06 11.17 -10.73
CA LEU F 36 27.22 12.34 -11.56
C LEU F 36 27.40 11.95 -13.02
N GLU F 37 27.96 10.78 -13.24
CA GLU F 37 28.31 10.37 -14.58
C GLU F 37 27.06 10.22 -15.42
N HIS F 38 25.98 9.73 -14.81
CA HIS F 38 24.72 9.59 -15.51
C HIS F 38 24.12 10.94 -15.92
N VAL F 39 24.29 11.96 -15.10
CA VAL F 39 23.77 13.26 -15.46
C VAL F 39 24.54 13.82 -16.63
N LYS F 40 25.86 13.64 -16.62
CA LYS F 40 26.65 14.14 -17.73
C LYS F 40 26.22 13.44 -19.00
N LYS F 41 26.09 12.12 -18.94
CA LYS F 41 25.62 11.37 -20.09
C LYS F 41 24.23 11.80 -20.47
N SER F 42 23.43 12.22 -19.50
CA SER F 42 22.13 12.77 -19.83
C SER F 42 22.29 14.02 -20.69
N PHE F 43 23.25 14.87 -20.35
CA PHE F 43 23.43 16.08 -21.14
C PHE F 43 23.92 15.78 -22.55
N TYR F 44 24.85 14.86 -22.66
CA TYR F 44 25.48 14.60 -23.93
C TYR F 44 24.55 13.81 -24.87
N ASN F 45 23.66 13.01 -24.32
CA ASN F 45 22.81 12.17 -25.16
C ASN F 45 21.35 12.61 -25.18
N GLY F 46 20.99 13.56 -24.34
CA GLY F 46 19.66 14.13 -24.38
C GLY F 46 18.51 13.22 -24.02
N ILE F 47 18.76 12.22 -23.18
CA ILE F 47 17.69 11.41 -22.64
C ILE F 47 17.86 11.25 -21.15
N TRP F 48 16.78 10.88 -20.46
CA TRP F 48 16.86 10.57 -19.04
C TRP F 48 15.89 9.47 -18.67
N SER F 49 16.17 8.79 -17.57
CA SER F 49 15.32 7.76 -17.08
C SER F 49 15.31 7.75 -15.57
N SER F 50 14.18 7.43 -14.96
CA SER F 50 14.03 7.36 -13.52
C SER F 50 13.76 5.92 -13.08
N THR F 51 13.22 5.72 -11.88
CA THR F 51 12.85 4.37 -11.47
C THR F 51 11.55 3.91 -12.10
N PHE F 52 11.19 2.67 -11.83
CA PHE F 52 9.92 2.16 -12.27
C PHE F 52 8.79 3.11 -11.89
N TYR F 53 8.69 3.49 -10.62
CA TYR F 53 7.61 4.37 -10.18
C TYR F 53 7.81 5.83 -10.60
N GLY F 54 9.06 6.28 -10.60
CA GLY F 54 9.41 7.60 -11.07
C GLY F 54 9.04 7.84 -12.52
N ASN F 55 9.30 6.86 -13.38
CA ASN F 55 8.90 6.97 -14.78
C ASN F 55 7.40 7.04 -14.91
N LYS F 56 6.68 6.25 -14.15
CA LYS F 56 5.24 6.27 -14.22
C LYS F 56 4.69 7.62 -13.79
N ARG F 57 5.32 8.21 -12.77
CA ARG F 57 4.88 9.50 -12.24
C ARG F 57 5.13 10.64 -13.24
N LEU F 58 6.30 10.61 -13.86
CA LEU F 58 6.67 11.59 -14.88
C LEU F 58 5.85 11.42 -16.15
N SER F 59 5.63 10.18 -16.56
CA SER F 59 4.85 9.91 -17.75
C SER F 59 3.44 10.43 -17.62
N GLU F 60 2.81 10.14 -16.51
CA GLU F 60 1.45 10.56 -16.30
C GLU F 60 1.32 12.06 -16.27
N ALA F 61 2.27 12.73 -15.64
CA ALA F 61 2.25 14.17 -15.52
C ALA F 61 2.44 14.84 -16.87
N TYR F 62 3.23 14.20 -17.72
CA TYR F 62 3.53 14.69 -19.06
C TYR F 62 2.34 14.66 -20.00
N GLU F 63 1.65 13.53 -20.02
CA GLU F 63 0.44 13.35 -20.81
C GLU F 63 -0.67 14.30 -20.42
N SER F 64 -0.70 14.66 -19.14
CA SER F 64 -1.77 15.48 -18.58
C SER F 64 -1.69 16.94 -18.95
N LEU F 65 -0.59 17.32 -19.57
CA LEU F 65 -0.30 18.71 -19.82
C LEU F 65 -1.24 19.30 -20.85
N PRO F 66 -1.76 20.51 -20.58
CA PRO F 66 -2.36 21.23 -21.69
C PRO F 66 -1.32 21.47 -22.77
N GLN F 67 -1.76 21.64 -24.01
CA GLN F 67 -0.80 21.74 -25.10
C GLN F 67 -0.01 23.02 -24.91
N GLY F 68 1.30 22.92 -25.09
CA GLY F 68 2.22 24.02 -24.92
C GLY F 68 2.94 23.99 -23.58
N ALA F 69 2.39 23.27 -22.62
CA ALA F 69 2.90 23.29 -21.27
C ALA F 69 4.12 22.39 -21.21
N LYS F 70 4.99 22.60 -20.23
CA LYS F 70 6.20 21.80 -20.13
C LYS F 70 6.30 21.15 -18.75
N ILE F 71 7.21 20.20 -18.62
CA ILE F 71 7.55 19.73 -17.30
C ILE F 71 9.04 19.87 -17.09
N TYR F 72 9.41 20.63 -16.07
CA TYR F 72 10.81 20.90 -15.80
C TYR F 72 11.38 19.96 -14.77
N LEU F 73 12.59 19.56 -15.00
CA LEU F 73 13.29 18.65 -14.12
C LEU F 73 14.46 19.37 -13.47
N LEU F 74 14.52 19.37 -12.15
CA LEU F 74 15.64 20.00 -11.48
C LEU F 74 16.58 18.93 -10.96
N PHE F 75 17.74 18.82 -11.59
CA PHE F 75 18.64 17.71 -11.30
C PHE F 75 19.47 17.97 -10.07
N SER F 76 19.71 16.93 -9.30
CA SER F 76 20.52 17.03 -8.10
C SER F 76 21.16 15.70 -7.82
N VAL F 77 22.47 15.67 -7.66
CA VAL F 77 23.12 14.40 -7.38
C VAL F 77 23.02 14.08 -5.91
N ASN F 78 22.77 12.82 -5.59
CA ASN F 78 22.72 12.38 -4.19
C ASN F 78 23.96 12.83 -3.45
N ALA F 79 23.76 13.42 -2.27
CA ALA F 79 24.83 13.84 -1.38
C ALA F 79 25.78 14.87 -1.95
N SER F 80 25.39 15.53 -3.03
CA SER F 80 26.28 16.50 -3.65
C SER F 80 26.23 17.87 -3.00
N GLY F 81 25.21 18.11 -2.19
CA GLY F 81 25.03 19.41 -1.56
C GLY F 81 24.61 20.49 -2.50
N ARG F 82 24.11 20.11 -3.66
CA ARG F 82 23.69 21.12 -4.63
C ARG F 82 22.74 20.57 -5.68
N PHE F 83 22.16 21.47 -6.45
CA PHE F 83 21.48 21.14 -7.68
C PHE F 83 22.41 21.52 -8.82
N CYS F 84 22.35 20.84 -9.96
CA CYS F 84 23.40 21.05 -10.95
C CYS F 84 22.90 21.38 -12.34
N GLY F 85 21.59 21.55 -12.50
CA GLY F 85 21.05 21.97 -13.78
C GLY F 85 19.56 21.77 -13.95
N VAL F 86 19.01 22.27 -15.05
CA VAL F 86 17.60 22.19 -15.33
C VAL F 86 17.36 21.68 -16.76
N ALA F 87 16.44 20.72 -16.93
CA ALA F 87 16.06 20.22 -18.24
C ALA F 87 14.56 20.12 -18.39
N GLU F 88 14.08 20.07 -19.62
CA GLU F 88 12.69 19.75 -19.88
C GLU F 88 12.53 18.34 -20.41
N SER F 90 11.16 16.21 -23.25
CA SER F 90 10.76 16.52 -24.61
C SER F 90 10.02 15.36 -25.25
N SER F 91 9.76 14.30 -24.50
CA SER F 91 8.93 13.19 -24.97
C SER F 91 8.36 12.42 -23.79
N ASN F 92 7.36 11.57 -24.05
CA ASN F 92 6.88 10.61 -23.07
C ASN F 92 7.85 9.44 -22.97
N LEU F 93 7.55 8.47 -22.11
CA LEU F 93 8.43 7.34 -21.93
C LEU F 93 8.52 6.49 -23.19
N ARG F 94 9.71 6.01 -23.51
CA ARG F 94 9.91 5.23 -24.72
C ARG F 94 10.72 3.97 -24.44
N GLU F 95 10.79 3.08 -25.43
CA GLU F 95 11.47 1.80 -25.28
C GLU F 95 12.67 1.66 -26.21
N ASP F 96 12.71 2.52 -27.20
CA ASP F 96 13.66 2.45 -28.29
C ASP F 96 14.79 3.46 -28.20
N LEU F 97 15.20 3.81 -26.98
CA LEU F 97 16.29 4.77 -26.82
C LEU F 97 17.51 4.06 -26.29
N ASP F 98 18.67 4.69 -26.43
CA ASP F 98 19.93 4.04 -26.11
C ASP F 98 20.26 4.10 -24.62
N THR F 99 19.68 3.19 -23.85
CA THR F 99 19.86 3.22 -22.42
C THR F 99 21.09 2.45 -22.01
N SER F 100 21.89 2.05 -22.97
CA SER F 100 23.10 1.32 -22.65
C SER F 100 24.15 2.26 -22.13
N ILE F 101 23.91 3.56 -22.28
CA ILE F 101 24.85 4.56 -21.82
C ILE F 101 24.97 4.59 -20.31
N TRP F 102 24.08 3.89 -19.63
CA TRP F 102 24.06 3.89 -18.17
C TRP F 102 24.53 2.56 -17.59
N GLY F 103 25.13 1.71 -18.41
CA GLY F 103 25.66 0.44 -17.96
C GLY F 103 24.72 -0.73 -18.08
N TYR F 108 17.43 0.33 -15.67
CA TYR F 108 16.90 1.44 -16.50
C TYR F 108 16.74 1.17 -18.00
N ARG F 109 15.78 0.37 -18.43
CA ARG F 109 15.70 0.12 -19.88
C ARG F 109 14.67 0.96 -20.65
N HIS F 110 13.91 1.80 -19.97
CA HIS F 110 13.08 2.73 -20.69
C HIS F 110 13.60 4.10 -20.38
N ALA F 111 13.31 5.06 -21.24
CA ALA F 111 13.76 6.41 -21.03
C ALA F 111 12.94 7.40 -21.81
N PHE F 112 13.16 8.68 -21.56
CA PHE F 112 12.49 9.69 -22.34
C PHE F 112 13.49 10.73 -22.77
N LYS F 113 13.15 11.47 -23.81
CA LYS F 113 14.01 12.50 -24.34
C LYS F 113 13.94 13.77 -23.51
N VAL F 114 15.08 14.43 -23.31
CA VAL F 114 15.11 15.70 -22.59
C VAL F 114 15.87 16.80 -23.32
N ARG F 115 15.43 18.02 -23.09
CA ARG F 115 16.07 19.22 -23.58
C ARG F 115 16.72 19.97 -22.44
N TRP F 116 18.04 19.91 -22.30
CA TRP F 116 18.70 20.61 -21.21
C TRP F 116 18.70 22.12 -21.45
N ILE F 117 18.41 22.88 -20.39
CA ILE F 117 18.27 24.31 -20.53
C ILE F 117 19.38 25.03 -19.81
N VAL F 118 19.63 24.58 -18.59
CA VAL F 118 20.59 25.19 -17.69
C VAL F 118 21.56 24.17 -17.18
N VAL F 119 22.84 24.45 -17.25
CA VAL F 119 23.81 23.58 -16.63
C VAL F 119 24.68 24.44 -15.74
N ARG F 120 24.51 24.31 -14.44
CA ARG F 120 25.19 25.16 -13.46
C ARG F 120 24.99 24.65 -12.03
N ASP F 121 26.02 24.68 -11.20
CA ASP F 121 25.82 24.30 -9.80
C ASP F 121 25.12 25.43 -9.02
N VAL F 122 24.17 25.04 -8.16
CA VAL F 122 23.53 25.92 -7.19
C VAL F 122 23.50 25.20 -5.87
N HIS F 123 24.08 25.80 -4.84
CA HIS F 123 24.29 25.10 -3.59
C HIS F 123 23.03 25.00 -2.77
N ASN F 124 22.88 23.90 -2.03
CA ASN F 124 21.72 23.71 -1.18
C ASN F 124 21.53 24.90 -0.26
N ARG F 125 22.66 25.39 0.27
CA ARG F 125 22.76 26.61 1.05
C ARG F 125 21.76 27.64 0.59
N SER F 126 21.69 27.80 -0.73
CA SER F 126 20.89 28.85 -1.36
C SER F 126 19.45 28.45 -1.66
N LEU F 127 19.09 27.20 -1.40
CA LEU F 127 17.76 26.72 -1.77
C LEU F 127 16.99 26.22 -0.56
N LYS F 128 17.65 26.10 0.59
CA LYS F 128 17.07 25.43 1.74
C LYS F 128 15.92 26.24 2.35
N GLN F 129 15.76 27.46 1.88
CA GLN F 129 14.68 28.30 2.31
C GLN F 129 13.35 27.90 1.73
N PHE F 130 13.38 27.24 0.59
CA PHE F 130 12.15 26.91 -0.12
C PHE F 130 11.52 25.66 0.45
N LEU F 131 10.46 25.88 1.19
CA LEU F 131 9.75 24.82 1.84
C LEU F 131 8.61 24.33 0.97
N ILE F 132 8.46 23.01 0.88
CA ILE F 132 7.45 22.42 0.01
C ILE F 132 6.25 22.01 0.84
N PRO F 133 5.13 22.71 0.66
CA PRO F 133 3.95 22.47 1.49
C PRO F 133 3.47 21.04 1.41
N ALA F 134 3.54 20.38 0.27
CA ALA F 134 2.97 19.05 0.14
C ALA F 134 3.91 17.94 0.55
N ASN F 135 5.11 18.31 0.96
CA ASN F 135 6.06 17.34 1.47
C ASN F 135 6.37 17.63 2.93
N ASP F 136 5.33 17.90 3.73
CA ASP F 136 5.51 18.07 5.16
C ASP F 136 6.39 19.27 5.47
N LYS F 138 9.08 20.26 4.10
CA LYS F 138 10.51 20.05 4.03
C LYS F 138 11.11 20.94 2.95
N PRO F 139 12.39 21.29 3.11
CA PRO F 139 13.11 22.09 2.12
C PRO F 139 13.21 21.37 0.78
N VAL F 140 13.22 22.11 -0.32
CA VAL F 140 13.37 21.50 -1.63
C VAL F 140 14.65 20.73 -1.69
N THR F 141 15.61 21.12 -0.89
CA THR F 141 16.92 20.50 -0.91
C THR F 141 16.89 19.14 -0.29
N ASN F 142 15.75 18.80 0.28
CA ASN F 142 15.59 17.50 0.91
C ASN F 142 14.43 16.75 0.24
N SER F 143 14.54 16.54 -1.05
CA SER F 143 13.50 15.88 -1.82
C SER F 143 13.94 14.56 -2.36
N ARG F 144 13.01 13.66 -2.54
CA ARG F 144 13.32 12.43 -3.25
C ARG F 144 13.19 12.64 -4.72
N ASP F 145 13.70 11.70 -5.49
CA ASP F 145 13.51 11.72 -6.92
C ASP F 145 12.03 11.79 -7.34
N THR F 146 11.71 12.72 -8.21
CA THR F 146 10.37 12.98 -8.73
C THR F 146 9.45 13.57 -7.70
N GLN F 147 10.02 14.29 -6.74
CA GLN F 147 9.24 15.17 -5.88
C GLN F 147 8.73 16.42 -6.61
N GLU F 148 7.42 16.64 -6.60
CA GLU F 148 6.89 17.78 -7.32
C GLU F 148 6.99 19.06 -6.51
N ILE F 149 7.31 20.13 -7.19
CA ILE F 149 7.49 21.42 -6.58
C ILE F 149 6.43 22.32 -7.12
N PRO F 150 5.78 23.10 -6.26
CA PRO F 150 4.73 24.00 -6.70
C PRO F 150 5.29 25.04 -7.66
N ALA F 151 4.45 25.61 -8.49
CA ALA F 151 4.91 26.48 -9.55
C ALA F 151 5.64 27.75 -9.07
N THR F 152 5.03 28.45 -8.13
CA THR F 152 5.55 29.73 -7.70
C THR F 152 6.90 29.55 -7.03
N ILE F 153 7.00 28.56 -6.15
CA ILE F 153 8.27 28.24 -5.53
C ILE F 153 9.33 27.96 -6.60
N SER F 154 8.95 27.18 -7.61
CA SER F 154 9.83 26.81 -8.71
C SER F 154 10.31 27.98 -9.52
N LYS F 155 9.40 28.89 -9.82
CA LYS F 155 9.79 30.04 -10.60
C LYS F 155 10.85 30.84 -9.86
N SER F 156 10.73 30.90 -8.54
CA SER F 156 11.75 31.55 -7.74
C SER F 156 13.04 30.78 -7.84
N ILE F 157 12.97 29.46 -7.77
CA ILE F 157 14.15 28.62 -7.87
C ILE F 157 14.83 28.79 -9.22
N LEU F 158 14.03 28.91 -10.27
CA LEU F 158 14.57 29.09 -11.60
C LEU F 158 15.36 30.37 -11.76
N LYS F 159 14.97 31.41 -11.03
CA LYS F 159 15.74 32.64 -11.01
C LYS F 159 17.17 32.43 -10.56
N LEU F 160 17.36 31.65 -9.50
CA LEU F 160 18.70 31.39 -8.98
C LEU F 160 19.62 30.70 -9.99
N PHE F 161 19.04 29.93 -10.89
CA PHE F 161 19.79 29.25 -11.93
C PHE F 161 20.30 30.22 -12.99
N LYS F 162 19.74 31.42 -13.01
CA LYS F 162 20.03 32.46 -13.99
C LYS F 162 20.99 33.61 -13.65
N TYR F 163 22.05 33.37 -12.86
CA TYR F 163 22.96 34.47 -12.50
C TYR F 163 24.36 34.28 -13.06
N VAL F 168 30.98 30.58 -10.40
CA VAL F 168 30.07 29.73 -11.17
C VAL F 168 30.73 28.44 -11.63
N GLN F 169 30.24 27.31 -11.15
CA GLN F 169 30.77 26.01 -11.56
C GLN F 169 29.70 25.12 -12.22
N SER F 170 30.10 23.95 -12.73
CA SER F 170 29.20 23.06 -13.46
C SER F 170 29.80 21.68 -13.66
N PHE F 171 28.97 20.71 -13.99
CA PHE F 171 29.45 19.33 -14.15
C PHE F 171 30.13 19.09 -15.49
N LEU F 172 30.26 20.12 -16.30
CA LEU F 172 30.94 19.95 -17.57
C LEU F 172 32.42 20.34 -17.51
N ASP F 173 32.96 20.49 -16.32
CA ASP F 173 34.34 20.92 -16.14
C ASP F 173 35.30 19.77 -15.87
#